data_8YFT
#
_entry.id   8YFT
#
_cell.length_a   1.00
_cell.length_b   1.00
_cell.length_c   1.00
_cell.angle_alpha   90.00
_cell.angle_beta   90.00
_cell.angle_gamma   90.00
#
_symmetry.space_group_name_H-M   'P 1'
#
loop_
_entity.id
_entity.type
_entity.pdbx_description
1 polymer 'Angiotensin-converting enzyme'
2 polymer 'Spike protein S1'
3 branched 2-acetamido-2-deoxy-beta-D-glucopyranose-(1-4)-2-acetamido-2-deoxy-beta-D-glucopyranose
4 non-polymer 'ZINC ION'
5 non-polymer 2-acetamido-2-deoxy-beta-D-glucopyranose
#
loop_
_entity_poly.entity_id
_entity_poly.type
_entity_poly.pdbx_seq_one_letter_code
_entity_poly.pdbx_strand_id
1 'polypeptide(L)'
;QSTEDLVNTFLEKFNYEAEELSYQSSLASWNYNTNITDENLQKMNNAGAKWSAFYEEQSKLAKTYPLEEIQDSTVKRQLR
ALQHSGSSVLSADKNQRLNTILNSMSTIYSTGKACNPSNPQECLLLEPGLDDIMENSKDYNERLWAWEGWRSEVGKQLRP
LYEEYVALKNEMARANNYEDYGDYWRGDYEEEWENGYNYSRNQLIDDVEHTFTQIMPLYQHLHAYVRTKLMDTYPSYISP
TGCLPAHLLGDMWGRFWTNLYPLTVPFGQKPNIDVTNAMVNQSWDARKIFKEAEKFFVSVGLPNMTQGFWENSMLTEPSD
SWKVVCHPTAWDLGRGDFRIKMCTKVTMDDFLTAHHEMGHIQYDMAYAAQPFLLRNGANEGFHEAVGEIMSLSAATPNHL
KNIGLLPPSFFEDSETEINFLLKQALTIVGTLPFTYMLEKWRWMVFKGEIPKDQWMKTWWEMKRNIVGVVEPVPHDETYC
DPASLFHVANDYSFIRYYTRTIYQFQFQEALCQIAKHEGPLHKCDISNSSEAGQKLLEMLKLGKSKPWTYALEIVVGAKN
MDVRPLLNYFEPLFTWLKEQNRNSFVGWNTDWSPYADQSHHHHHH
;
A
2 'polypeptide(L)'
;RVQPTESIVRFPNITNLCPFGEVFNATRFASVYAWNRKRISNCVADYSVLYNSASFSTFKCYGVSPTKLNDLCFTNVYAD
SFVIRGDEVRQIAPGQTGKIADYNYKLPDDFTGCVIAWNSNNLDSKVGGNYNYLYRLFRKSNLKPFERDISTEIYQAGST
PCNGVEGFNCYFPLQSYGFQPTYGVGYQPYRVVVLSFELLHAPATVCGPKKSTNLVKNKCVNF
;
B
#
loop_
_chem_comp.id
_chem_comp.type
_chem_comp.name
_chem_comp.formula
NAG D-saccharide, beta linking 2-acetamido-2-deoxy-beta-D-glucopyranose 'C8 H15 N O6'
ZN non-polymer 'ZINC ION' 'Zn 2'
#
# COMPACT_ATOMS: atom_id res chain seq x y z
N GLN A 1 30.05 21.06 -7.88
CA GLN A 1 29.33 22.34 -8.10
C GLN A 1 28.20 22.12 -9.11
N SER A 2 28.18 20.95 -9.74
CA SER A 2 27.17 20.70 -10.77
C SER A 2 25.78 20.67 -10.15
N THR A 3 24.77 20.75 -11.01
CA THR A 3 23.38 20.74 -10.54
C THR A 3 23.06 19.43 -9.82
N GLU A 4 23.59 18.31 -10.32
CA GLU A 4 23.39 17.04 -9.64
C GLU A 4 23.87 17.08 -8.20
N ASP A 5 24.98 17.81 -7.95
CA ASP A 5 25.51 17.91 -6.60
C ASP A 5 24.55 18.62 -5.66
N LEU A 6 23.94 19.71 -6.13
CA LEU A 6 22.94 20.41 -5.31
C LEU A 6 21.70 19.56 -5.12
N VAL A 7 21.28 18.85 -6.17
CA VAL A 7 20.09 18.00 -6.08
C VAL A 7 20.27 16.92 -5.03
N ASN A 8 21.44 16.29 -5.00
CA ASN A 8 21.68 15.22 -4.03
C ASN A 8 21.55 15.74 -2.60
N THR A 9 22.16 16.89 -2.32
CA THR A 9 22.11 17.45 -0.98
C THR A 9 20.69 17.87 -0.61
N PHE A 10 19.96 18.45 -1.57
CA PHE A 10 18.58 18.85 -1.29
C PHE A 10 17.70 17.64 -1.01
N LEU A 11 17.94 16.52 -1.69
CA LEU A 11 17.14 15.32 -1.49
C LEU A 11 17.47 14.57 -0.21
N GLU A 12 18.73 14.59 0.19
CA GLU A 12 19.18 13.85 1.40
C GLU A 12 18.64 14.52 2.67
N LYS A 13 18.31 15.80 2.62
CA LYS A 13 17.63 16.45 3.74
C LYS A 13 16.15 16.11 3.77
N PHE A 14 15.49 16.13 2.61
CA PHE A 14 14.06 15.83 2.55
C PHE A 14 13.76 14.41 2.98
N ASN A 15 14.61 13.46 2.58
CA ASN A 15 14.36 12.06 2.90
C ASN A 15 14.26 11.84 4.41
N TYR A 16 14.91 12.70 5.20
CA TYR A 16 14.84 12.57 6.65
C TYR A 16 13.88 13.57 7.28
N GLU A 17 13.60 14.67 6.64
CA GLU A 17 12.65 15.57 7.33
C GLU A 17 11.21 15.15 7.03
N ALA A 18 10.95 14.39 5.98
CA ALA A 18 9.58 13.91 5.75
C ALA A 18 9.20 12.77 6.68
N GLU A 19 10.18 11.99 7.15
CA GLU A 19 9.89 10.76 7.88
C GLU A 19 9.26 11.01 9.25
N GLU A 20 9.49 12.18 9.83
CA GLU A 20 8.87 12.48 11.14
C GLU A 20 7.47 13.00 10.88
N LEU A 21 7.33 14.00 10.04
CA LEU A 21 6.02 14.59 9.82
C LEU A 21 5.04 13.59 9.20
N SER A 22 5.54 12.55 8.55
CA SER A 22 4.66 11.46 8.14
C SER A 22 4.29 10.58 9.32
N TYR A 23 5.25 10.29 10.19
CA TYR A 23 5.00 9.41 11.32
C TYR A 23 4.00 10.02 12.29
N GLN A 24 4.14 11.32 12.56
CA GLN A 24 3.20 11.98 13.47
C GLN A 24 1.78 11.93 12.92
N SER A 25 1.62 12.20 11.63
CA SER A 25 0.29 12.15 11.03
C SER A 25 -0.28 10.74 11.05
N SER A 26 0.57 9.73 10.78
CA SER A 26 0.10 8.35 10.82
C SER A 26 -0.35 7.95 12.21
N LEU A 27 0.42 8.30 13.23
CA LEU A 27 0.05 7.96 14.60
C LEU A 27 -1.22 8.68 15.02
N ALA A 28 -1.36 9.96 14.66
CA ALA A 28 -2.57 10.69 15.00
C ALA A 28 -3.79 10.08 14.32
N SER A 29 -3.65 9.68 13.06
CA SER A 29 -4.76 9.05 12.36
C SER A 29 -5.10 7.70 12.96
N TRP A 30 -4.08 6.93 13.39
CA TRP A 30 -4.35 5.61 13.94
C TRP A 30 -5.04 5.71 15.30
N ASN A 31 -4.63 6.67 16.14
CA ASN A 31 -5.23 6.77 17.47
C ASN A 31 -6.70 7.13 17.40
N TYR A 32 -7.09 8.01 16.48
CA TYR A 32 -8.50 8.34 16.34
C TYR A 32 -9.32 7.13 15.90
N ASN A 33 -8.82 6.39 14.90
CA ASN A 33 -9.53 5.20 14.43
C ASN A 33 -9.60 4.13 15.51
N THR A 34 -8.62 4.09 16.42
CA THR A 34 -8.60 3.07 17.46
C THR A 34 -9.55 3.42 18.60
N ASN A 35 -9.47 4.66 19.11
CA ASN A 35 -10.21 5.02 20.31
C ASN A 35 -11.49 5.79 20.02
N ILE A 36 -11.49 6.67 19.02
CA ILE A 36 -12.61 7.55 18.69
C ILE A 36 -13.07 8.35 19.91
N THR A 37 -12.67 9.63 19.96
CA THR A 37 -13.11 10.54 21.02
C THR A 37 -13.46 11.87 20.37
N ASP A 38 -13.78 12.85 21.21
CA ASP A 38 -14.04 14.21 20.75
C ASP A 38 -12.81 15.10 20.78
N GLU A 39 -11.67 14.58 21.25
CA GLU A 39 -10.45 15.37 21.38
C GLU A 39 -9.35 14.96 20.42
N ASN A 40 -9.34 13.71 19.96
CA ASN A 40 -8.31 13.26 19.04
C ASN A 40 -8.46 13.87 17.65
N LEU A 41 -9.66 14.34 17.31
CA LEU A 41 -9.89 14.91 15.98
C LEU A 41 -9.01 16.13 15.76
N GLN A 42 -8.90 17.00 16.77
CA GLN A 42 -8.09 18.19 16.63
C GLN A 42 -6.61 17.84 16.44
N LYS A 43 -6.12 16.85 17.17
CA LYS A 43 -4.73 16.42 17.00
C LYS A 43 -4.50 15.88 15.60
N MET A 44 -5.43 15.05 15.11
CA MET A 44 -5.29 14.51 13.75
C MET A 44 -5.28 15.62 12.72
N ASN A 45 -6.19 16.59 12.87
CA ASN A 45 -6.24 17.70 11.92
C ASN A 45 -4.97 18.53 11.96
N ASN A 46 -4.43 18.77 13.16
CA ASN A 46 -3.19 19.55 13.27
C ASN A 46 -2.03 18.83 12.59
N ALA A 47 -1.90 17.52 12.84
CA ALA A 47 -0.81 16.77 12.22
C ALA A 47 -0.94 16.76 10.71
N GLY A 48 -2.16 16.54 10.20
CA GLY A 48 -2.36 16.54 8.77
C GLY A 48 -2.07 17.88 8.13
N ALA A 49 -2.51 18.97 8.77
CA ALA A 49 -2.26 20.30 8.24
C ALA A 49 -0.77 20.60 8.22
N LYS A 50 -0.05 20.22 9.28
CA LYS A 50 1.40 20.45 9.31
C LYS A 50 2.10 19.69 8.19
N TRP A 51 1.74 18.42 8.01
CA TRP A 51 2.36 17.63 6.95
C TRP A 51 2.06 18.21 5.57
N SER A 52 0.81 18.61 5.35
CA SER A 52 0.44 19.18 4.05
C SER A 52 1.18 20.48 3.79
N ALA A 53 1.29 21.35 4.81
CA ALA A 53 2.01 22.61 4.63
C ALA A 53 3.47 22.36 4.31
N PHE A 54 4.11 21.43 5.02
CA PHE A 54 5.51 21.12 4.74
C PHE A 54 5.69 20.60 3.31
N TYR A 55 4.80 19.69 2.88
CA TYR A 55 4.92 19.14 1.54
C TYR A 55 4.71 20.20 0.47
N GLU A 56 3.72 21.07 0.67
CA GLU A 56 3.45 22.11 -0.32
C GLU A 56 4.57 23.13 -0.38
N GLU A 57 5.20 23.44 0.75
CA GLU A 57 6.35 24.33 0.73
C GLU A 57 7.52 23.70 -0.02
N GLN A 58 7.84 22.44 0.28
CA GLN A 58 8.99 21.81 -0.36
C GLN A 58 8.76 21.64 -1.85
N SER A 59 7.55 21.25 -2.26
CA SER A 59 7.27 21.06 -3.68
C SER A 59 7.41 22.36 -4.45
N LYS A 60 7.00 23.48 -3.87
CA LYS A 60 7.14 24.77 -4.54
C LYS A 60 8.59 25.20 -4.60
N LEU A 61 9.33 25.05 -3.51
CA LEU A 61 10.73 25.48 -3.52
C LEU A 61 11.66 24.53 -4.25
N ALA A 62 11.19 23.35 -4.65
CA ALA A 62 12.01 22.41 -5.40
C ALA A 62 11.92 22.61 -6.92
N LYS A 63 11.21 23.63 -7.38
CA LYS A 63 11.02 23.86 -8.80
C LYS A 63 12.08 24.75 -9.42
N THR A 64 13.11 25.15 -8.66
CA THR A 64 14.17 25.99 -9.18
C THR A 64 15.31 25.20 -9.80
N TYR A 65 15.21 23.88 -9.83
CA TYR A 65 16.25 23.03 -10.41
C TYR A 65 15.79 22.48 -11.75
N PRO A 66 16.42 22.84 -12.86
CA PRO A 66 16.05 22.26 -14.15
C PRO A 66 16.40 20.77 -14.20
N LEU A 67 15.57 20.01 -14.92
CA LEU A 67 15.71 18.57 -14.98
C LEU A 67 16.66 18.11 -16.08
N GLU A 68 17.06 18.99 -16.99
CA GLU A 68 17.77 18.55 -18.19
C GLU A 68 19.19 18.07 -17.88
N GLU A 69 19.78 18.55 -16.79
CA GLU A 69 21.19 18.27 -16.51
C GLU A 69 21.39 17.00 -15.69
N ILE A 70 20.32 16.40 -15.18
CA ILE A 70 20.43 15.24 -14.30
C ILE A 70 20.90 14.05 -15.12
N GLN A 71 21.89 13.32 -14.60
CA GLN A 71 22.48 12.18 -15.29
C GLN A 71 22.03 10.84 -14.74
N ASP A 72 21.96 10.69 -13.42
CA ASP A 72 21.54 9.44 -12.82
C ASP A 72 20.07 9.18 -13.11
N SER A 73 19.70 7.89 -13.15
CA SER A 73 18.34 7.53 -13.55
C SER A 73 17.34 7.78 -12.44
N THR A 74 17.60 7.22 -11.25
CA THR A 74 16.61 7.30 -10.17
C THR A 74 16.52 8.71 -9.59
N VAL A 75 17.63 9.45 -9.62
CA VAL A 75 17.64 10.79 -9.05
C VAL A 75 16.71 11.71 -9.83
N LYS A 76 16.67 11.56 -11.16
CA LYS A 76 15.76 12.36 -11.97
C LYS A 76 14.31 12.07 -11.62
N ARG A 77 13.97 10.79 -11.42
CA ARG A 77 12.59 10.43 -11.14
C ARG A 77 12.16 10.78 -9.73
N GLN A 78 13.09 10.84 -8.77
CA GLN A 78 12.73 11.37 -7.45
C GLN A 78 12.25 12.82 -7.55
N LEU A 79 12.99 13.66 -8.29
CA LEU A 79 12.54 15.02 -8.49
C LEU A 79 11.29 15.09 -9.36
N ARG A 80 11.13 14.14 -10.29
CA ARG A 80 9.90 14.10 -11.07
C ARG A 80 8.69 13.85 -10.16
N ALA A 81 8.83 12.94 -9.20
CA ALA A 81 7.78 12.71 -8.22
C ALA A 81 7.54 13.92 -7.32
N LEU A 82 8.60 14.58 -6.86
CA LEU A 82 8.46 15.75 -5.99
C LEU A 82 7.86 16.96 -6.69
N GLN A 83 8.21 17.19 -7.96
CA GLN A 83 7.85 18.43 -8.62
C GLN A 83 6.44 18.40 -9.18
N HIS A 84 6.02 17.28 -9.75
CA HIS A 84 4.69 17.21 -10.35
C HIS A 84 3.61 17.41 -9.30
N SER A 85 3.82 16.90 -8.09
CA SER A 85 2.87 17.11 -7.01
C SER A 85 2.74 18.60 -6.70
N GLY A 86 1.53 19.02 -6.34
CA GLY A 86 1.25 20.43 -6.17
C GLY A 86 0.92 21.15 -7.45
N SER A 87 0.55 20.43 -8.51
CA SER A 87 0.22 21.05 -9.78
C SER A 87 -1.09 21.84 -9.74
N SER A 88 -1.87 21.71 -8.67
CA SER A 88 -3.14 22.44 -8.54
C SER A 88 -2.86 23.85 -8.03
N VAL A 89 -2.18 24.62 -8.87
CA VAL A 89 -1.86 26.02 -8.59
C VAL A 89 -2.28 26.81 -9.83
N LEU A 90 -3.49 27.35 -9.83
CA LEU A 90 -4.00 28.11 -10.95
C LEU A 90 -4.41 29.54 -10.57
N SER A 91 -5.08 29.70 -9.43
CA SER A 91 -5.52 31.02 -8.98
C SER A 91 -5.97 30.96 -7.54
N ALA A 92 -5.47 31.88 -6.71
CA ALA A 92 -5.82 31.88 -5.29
C ALA A 92 -7.30 32.11 -5.08
N ASP A 93 -7.88 33.07 -5.81
CA ASP A 93 -9.30 33.36 -5.65
C ASP A 93 -10.16 32.19 -6.12
N LYS A 94 -9.76 31.53 -7.21
CA LYS A 94 -10.55 30.42 -7.73
C LYS A 94 -10.37 29.15 -6.90
N ASN A 95 -9.26 29.05 -6.15
CA ASN A 95 -9.02 27.84 -5.37
C ASN A 95 -10.06 27.67 -4.27
N GLN A 96 -10.39 28.76 -3.58
CA GLN A 96 -11.41 28.69 -2.53
C GLN A 96 -12.76 28.31 -3.12
N ARG A 97 -13.10 28.89 -4.28
CA ARG A 97 -14.37 28.54 -4.93
C ARG A 97 -14.40 27.07 -5.32
N LEU A 98 -13.30 26.56 -5.87
CA LEU A 98 -13.24 25.15 -6.24
C LEU A 98 -13.38 24.25 -5.03
N ASN A 99 -12.70 24.59 -3.94
CA ASN A 99 -12.80 23.77 -2.73
C ASN A 99 -14.22 23.79 -2.16
N THR A 100 -14.86 24.96 -2.15
CA THR A 100 -16.23 25.03 -1.68
C THR A 100 -17.17 24.22 -2.57
N ILE A 101 -16.95 24.28 -3.88
CA ILE A 101 -17.78 23.50 -4.80
C ILE A 101 -17.59 22.01 -4.57
N LEU A 102 -16.34 21.57 -4.39
CA LEU A 102 -16.09 20.16 -4.13
C LEU A 102 -16.74 19.69 -2.84
N ASN A 103 -16.59 20.49 -1.77
CA ASN A 103 -17.19 20.12 -0.49
C ASN A 103 -18.71 20.09 -0.58
N SER A 104 -19.32 21.07 -1.26
CA SER A 104 -20.76 21.07 -1.41
C SER A 104 -21.24 19.88 -2.23
N MET A 105 -20.50 19.53 -3.27
CA MET A 105 -20.86 18.39 -4.10
C MET A 105 -20.78 17.09 -3.31
N SER A 106 -19.76 16.95 -2.46
CA SER A 106 -19.62 15.76 -1.63
C SER A 106 -20.60 15.73 -0.47
N THR A 107 -21.07 16.89 -0.01
CA THR A 107 -21.87 16.94 1.21
C THR A 107 -23.21 16.22 1.05
N ILE A 108 -23.89 16.44 -0.08
CA ILE A 108 -25.25 15.93 -0.23
C ILE A 108 -25.24 14.40 -0.27
N TYR A 109 -24.21 13.80 -0.86
CA TYR A 109 -24.14 12.34 -0.90
C TYR A 109 -24.01 11.77 0.51
N SER A 110 -23.21 12.41 1.36
CA SER A 110 -23.06 11.93 2.73
C SER A 110 -24.36 12.06 3.51
N THR A 111 -25.09 13.16 3.31
CA THR A 111 -26.31 13.44 4.05
C THR A 111 -27.57 13.12 3.23
N GLY A 112 -27.46 12.23 2.25
CA GLY A 112 -28.60 11.84 1.45
C GLY A 112 -29.71 11.19 2.24
N LYS A 113 -30.94 11.66 2.07
CA LYS A 113 -32.11 11.12 2.75
C LYS A 113 -33.17 10.75 1.73
N ALA A 114 -33.69 9.53 1.82
CA ALA A 114 -34.72 9.03 0.92
C ALA A 114 -35.66 8.13 1.69
N CYS A 115 -36.95 8.39 1.59
CA CYS A 115 -37.97 7.57 2.26
C CYS A 115 -38.35 6.38 1.39
N LEU A 124 -34.95 6.88 4.94
CA LEU A 124 -33.89 5.89 5.09
C LEU A 124 -32.60 6.46 4.54
N LEU A 125 -31.53 6.43 5.33
CA LEU A 125 -30.23 6.87 4.87
C LEU A 125 -29.63 5.80 3.96
N LEU A 126 -28.64 6.22 3.16
CA LEU A 126 -28.06 5.35 2.14
C LEU A 126 -27.56 4.03 2.72
N GLU A 127 -26.82 4.10 3.83
CA GLU A 127 -26.21 2.89 4.36
C GLU A 127 -27.21 1.98 5.09
N PRO A 128 -27.96 2.45 6.10
CA PRO A 128 -28.76 1.47 6.88
C PRO A 128 -29.88 0.82 6.08
N GLY A 129 -30.75 1.61 5.46
CA GLY A 129 -31.96 1.07 4.87
C GLY A 129 -32.00 1.03 3.36
N LEU A 130 -31.37 2.01 2.71
CA LEU A 130 -31.44 2.11 1.26
C LEU A 130 -30.72 0.94 0.58
N ASP A 131 -29.64 0.45 1.19
CA ASP A 131 -28.89 -0.65 0.57
C ASP A 131 -29.65 -1.96 0.64
N ASP A 132 -30.43 -2.18 1.69
CA ASP A 132 -31.10 -3.46 1.89
C ASP A 132 -32.12 -3.73 0.79
N ILE A 133 -32.86 -2.71 0.38
CA ILE A 133 -33.87 -2.89 -0.65
C ILE A 133 -33.21 -3.31 -1.97
N MET A 134 -32.10 -2.67 -2.32
CA MET A 134 -31.44 -3.00 -3.57
C MET A 134 -30.71 -4.34 -3.49
N GLU A 135 -30.29 -4.75 -2.30
CA GLU A 135 -29.46 -5.94 -2.20
C GLU A 135 -30.24 -7.22 -1.92
N ASN A 136 -31.39 -7.15 -1.25
CA ASN A 136 -32.05 -8.38 -0.82
C ASN A 136 -33.51 -8.45 -1.26
N SER A 137 -34.18 -7.30 -1.39
CA SER A 137 -35.59 -7.30 -1.74
C SER A 137 -35.80 -7.86 -3.15
N LYS A 138 -36.82 -8.70 -3.29
CA LYS A 138 -37.14 -9.36 -4.56
C LYS A 138 -38.43 -8.86 -5.17
N ASP A 139 -38.96 -7.74 -4.68
CA ASP A 139 -40.20 -7.19 -5.19
C ASP A 139 -39.91 -6.25 -6.36
N TYR A 140 -40.68 -6.40 -7.44
CA TYR A 140 -40.48 -5.56 -8.62
C TYR A 140 -40.82 -4.10 -8.32
N ASN A 141 -42.01 -3.87 -7.75
CA ASN A 141 -42.46 -2.50 -7.54
C ASN A 141 -41.59 -1.75 -6.55
N GLU A 142 -41.14 -2.45 -5.49
CA GLU A 142 -40.37 -1.78 -4.44
C GLU A 142 -39.06 -1.21 -4.97
N ARG A 143 -38.36 -1.99 -5.81
CA ARG A 143 -37.15 -1.47 -6.45
C ARG A 143 -37.46 -0.48 -7.56
N LEU A 144 -38.61 -0.66 -8.24
CA LEU A 144 -38.94 0.19 -9.38
C LEU A 144 -39.01 1.66 -8.98
N TRP A 145 -39.68 1.96 -7.88
CA TRP A 145 -39.76 3.35 -7.44
C TRP A 145 -38.47 3.79 -6.77
N ALA A 146 -37.78 2.90 -6.06
CA ALA A 146 -36.59 3.28 -5.31
C ALA A 146 -35.46 3.73 -6.23
N TRP A 147 -35.25 2.99 -7.33
CA TRP A 147 -34.16 3.35 -8.24
C TRP A 147 -34.38 4.73 -8.85
N GLU A 148 -35.62 5.04 -9.22
CA GLU A 148 -35.92 6.37 -9.72
C GLU A 148 -35.82 7.43 -8.63
N GLY A 149 -36.26 7.11 -7.41
CA GLY A 149 -36.29 8.10 -6.35
C GLY A 149 -34.90 8.53 -5.90
N TRP A 150 -33.97 7.58 -5.84
CA TRP A 150 -32.61 7.92 -5.44
C TRP A 150 -31.99 8.95 -6.38
N ARG A 151 -32.20 8.78 -7.69
CA ARG A 151 -31.73 9.77 -8.65
C ARG A 151 -32.54 11.06 -8.57
N SER A 152 -33.85 10.95 -8.36
CA SER A 152 -34.70 12.14 -8.41
C SER A 152 -34.41 13.09 -7.25
N GLU A 153 -34.21 12.57 -6.05
CA GLU A 153 -34.01 13.43 -4.89
C GLU A 153 -32.57 13.92 -4.80
N VAL A 154 -31.63 13.00 -4.61
CA VAL A 154 -30.23 13.39 -4.43
C VAL A 154 -29.63 13.89 -5.74
N GLY A 155 -29.88 13.19 -6.84
CA GLY A 155 -29.16 13.47 -8.07
C GLY A 155 -29.48 14.84 -8.65
N LYS A 156 -30.75 15.20 -8.69
CA LYS A 156 -31.15 16.43 -9.37
C LYS A 156 -30.54 17.68 -8.75
N GLN A 157 -30.25 17.66 -7.46
CA GLN A 157 -29.58 18.79 -6.82
C GLN A 157 -28.09 18.84 -7.15
N LEU A 158 -27.51 17.75 -7.65
CA LEU A 158 -26.10 17.69 -7.97
C LEU A 158 -25.78 18.10 -9.39
N ARG A 159 -26.77 18.14 -10.29
CA ARG A 159 -26.50 18.45 -11.69
C ARG A 159 -25.94 19.85 -11.89
N PRO A 160 -26.55 20.92 -11.38
CA PRO A 160 -25.99 22.26 -11.66
C PRO A 160 -24.59 22.46 -11.11
N LEU A 161 -24.25 21.85 -9.97
CA LEU A 161 -22.92 22.01 -9.40
C LEU A 161 -21.87 21.36 -10.29
N TYR A 162 -22.20 20.23 -10.90
CA TYR A 162 -21.22 19.49 -11.71
C TYR A 162 -20.86 20.21 -13.00
N GLU A 163 -21.61 21.25 -13.38
CA GLU A 163 -21.33 21.95 -14.64
C GLU A 163 -20.00 22.68 -14.57
N GLU A 164 -19.78 23.47 -13.52
CA GLU A 164 -18.53 24.21 -13.40
C GLU A 164 -17.36 23.32 -13.00
N TYR A 165 -17.63 22.15 -12.43
CA TYR A 165 -16.57 21.26 -11.99
C TYR A 165 -15.68 20.83 -13.15
N VAL A 166 -16.31 20.41 -14.26
CA VAL A 166 -15.53 19.94 -15.40
C VAL A 166 -14.73 21.09 -16.03
N ALA A 167 -15.33 22.28 -16.10
CA ALA A 167 -14.62 23.43 -16.66
C ALA A 167 -13.41 23.81 -15.80
N LEU A 168 -13.58 23.82 -14.48
CA LEU A 168 -12.47 24.17 -13.60
C LEU A 168 -11.37 23.12 -13.66
N LYS A 169 -11.74 21.83 -13.71
CA LYS A 169 -10.73 20.79 -13.83
C LYS A 169 -10.00 20.87 -15.17
N ASN A 170 -10.72 21.20 -16.25
CA ASN A 170 -10.06 21.35 -17.54
C ASN A 170 -9.11 22.54 -17.54
N GLU A 171 -9.50 23.64 -16.90
CA GLU A 171 -8.60 24.78 -16.78
C GLU A 171 -7.36 24.42 -15.97
N MET A 172 -7.53 23.66 -14.88
CA MET A 172 -6.38 23.21 -14.11
C MET A 172 -5.47 22.31 -14.93
N ALA A 173 -6.04 21.43 -15.74
CA ALA A 173 -5.23 20.57 -16.60
C ALA A 173 -4.46 21.39 -17.64
N ARG A 174 -5.14 22.35 -18.28
CA ARG A 174 -4.48 23.20 -19.27
C ARG A 174 -3.43 24.10 -18.64
N ALA A 175 -3.52 24.35 -17.33
CA ALA A 175 -2.48 25.13 -16.66
C ALA A 175 -1.13 24.44 -16.72
N ASN A 176 -1.12 23.11 -16.58
CA ASN A 176 0.11 22.33 -16.53
C ASN A 176 0.49 21.75 -17.89
N ASN A 177 0.16 22.43 -18.99
CA ASN A 177 0.56 22.04 -20.33
C ASN A 177 0.01 20.65 -20.71
N TYR A 178 -1.18 20.33 -20.21
CA TYR A 178 -1.89 19.12 -20.60
C TYR A 178 -2.97 19.49 -21.62
N GLU A 179 -3.75 18.48 -22.01
CA GLU A 179 -4.85 18.71 -22.96
C GLU A 179 -6.19 18.80 -22.23
N ASP A 180 -6.54 17.78 -21.46
CA ASP A 180 -7.77 17.77 -20.68
C ASP A 180 -7.51 17.05 -19.37
N TYR A 181 -8.48 17.18 -18.44
CA TYR A 181 -8.31 16.63 -17.11
C TYR A 181 -8.17 15.10 -17.15
N GLY A 182 -8.76 14.45 -18.16
CA GLY A 182 -8.58 13.02 -18.29
C GLY A 182 -7.13 12.63 -18.53
N ASP A 183 -6.43 13.41 -19.36
CA ASP A 183 -5.01 13.14 -19.60
C ASP A 183 -4.19 13.32 -18.34
N TYR A 184 -4.63 14.18 -17.41
CA TYR A 184 -3.94 14.31 -16.14
C TYR A 184 -4.04 13.02 -15.34
N TRP A 185 -5.22 12.40 -15.31
CA TRP A 185 -5.36 11.09 -14.67
C TRP A 185 -4.55 10.03 -15.39
N ARG A 186 -4.53 10.07 -16.72
CA ARG A 186 -3.83 9.07 -17.52
C ARG A 186 -2.32 9.11 -17.33
N GLY A 187 -1.80 10.00 -16.49
CA GLY A 187 -0.37 10.12 -16.30
C GLY A 187 0.23 9.23 -15.25
N ASP A 188 -0.56 8.36 -14.61
CA ASP A 188 -0.02 7.44 -13.62
C ASP A 188 0.67 6.24 -14.26
N TYR A 189 0.51 6.04 -15.56
CA TYR A 189 1.16 4.95 -16.28
C TYR A 189 2.25 5.44 -17.23
N GLU A 190 2.37 6.75 -17.43
CA GLU A 190 3.36 7.28 -18.35
C GLU A 190 4.76 7.12 -17.78
N GLU A 191 5.68 6.60 -18.59
CA GLU A 191 7.06 6.40 -18.16
C GLU A 191 7.98 6.62 -19.35
N GLU A 192 9.21 7.04 -19.05
CA GLU A 192 10.20 7.34 -20.08
C GLU A 192 11.49 6.61 -19.79
N TRP A 193 11.93 5.83 -20.77
CA TRP A 193 13.10 4.94 -20.66
C TRP A 193 13.63 4.67 -22.07
N GLU A 194 14.42 3.61 -22.19
CA GLU A 194 15.02 3.23 -23.46
C GLU A 194 13.93 2.74 -24.41
N ASN A 195 14.38 2.26 -25.58
CA ASN A 195 13.44 1.86 -26.63
C ASN A 195 12.56 0.70 -26.20
N GLY A 196 13.03 -0.11 -25.24
CA GLY A 196 12.33 -1.31 -24.86
C GLY A 196 11.41 -1.24 -23.67
N TYR A 197 11.45 -0.19 -22.88
CA TYR A 197 10.66 -0.09 -21.66
C TYR A 197 10.05 1.30 -21.51
N ASN A 198 9.47 1.82 -22.59
CA ASN A 198 8.83 3.13 -22.58
C ASN A 198 7.34 2.98 -22.82
N TYR A 199 6.55 3.81 -22.15
CA TYR A 199 5.10 3.82 -22.30
C TYR A 199 4.63 5.26 -22.54
N SER A 200 3.77 5.42 -23.53
CA SER A 200 3.18 6.71 -23.87
C SER A 200 1.72 6.74 -23.47
N ARG A 201 1.24 7.91 -23.07
CA ARG A 201 -0.09 8.01 -22.47
C ARG A 201 -1.18 7.59 -23.45
N ASN A 202 -1.12 8.10 -24.69
CA ASN A 202 -2.21 7.87 -25.64
C ASN A 202 -2.38 6.41 -26.02
N GLN A 203 -1.40 5.56 -25.72
CA GLN A 203 -1.55 4.13 -25.98
C GLN A 203 -2.52 3.48 -25.00
N LEU A 204 -2.64 4.01 -23.78
CA LEU A 204 -3.50 3.38 -22.79
C LEU A 204 -4.95 3.33 -23.25
N ILE A 205 -5.39 4.32 -24.03
CA ILE A 205 -6.73 4.27 -24.60
C ILE A 205 -6.87 3.08 -25.54
N ASP A 206 -5.86 2.87 -26.40
CA ASP A 206 -5.96 1.81 -27.40
C ASP A 206 -5.85 0.43 -26.77
N ASP A 207 -4.87 0.23 -25.88
CA ASP A 207 -4.65 -1.10 -25.32
C ASP A 207 -5.89 -1.63 -24.61
N VAL A 208 -6.52 -0.81 -23.77
CA VAL A 208 -7.76 -1.23 -23.13
C VAL A 208 -8.81 -1.55 -24.17
N GLU A 209 -8.92 -0.72 -25.22
CA GLU A 209 -9.90 -0.99 -26.27
C GLU A 209 -9.65 -2.32 -26.94
N HIS A 210 -8.40 -2.81 -26.89
CA HIS A 210 -8.14 -4.17 -27.34
C HIS A 210 -8.65 -5.19 -26.33
N THR A 211 -8.27 -5.03 -25.06
CA THR A 211 -8.53 -6.04 -24.04
C THR A 211 -10.00 -6.19 -23.71
N PHE A 212 -10.88 -5.45 -24.37
CA PHE A 212 -12.31 -5.62 -24.19
C PHE A 212 -12.95 -6.40 -25.33
N THR A 213 -12.33 -6.44 -26.51
CA THR A 213 -12.88 -7.25 -27.60
C THR A 213 -12.79 -8.74 -27.28
N GLN A 214 -11.65 -9.18 -26.74
CA GLN A 214 -11.47 -10.60 -26.49
C GLN A 214 -12.36 -11.11 -25.36
N ILE A 215 -12.83 -10.23 -24.49
CA ILE A 215 -13.79 -10.62 -23.47
C ILE A 215 -15.22 -10.52 -23.99
N MET A 216 -15.42 -9.92 -25.17
CA MET A 216 -16.76 -9.75 -25.71
C MET A 216 -17.54 -11.05 -25.86
N PRO A 217 -16.98 -12.16 -26.36
CA PRO A 217 -17.81 -13.37 -26.50
C PRO A 217 -18.29 -13.93 -25.17
N LEU A 218 -17.37 -14.18 -24.23
CA LEU A 218 -17.74 -14.82 -22.97
C LEU A 218 -18.83 -14.03 -22.25
N TYR A 219 -18.64 -12.72 -22.10
CA TYR A 219 -19.65 -11.89 -21.47
C TYR A 219 -21.01 -12.07 -22.12
N GLN A 220 -21.04 -12.20 -23.45
CA GLN A 220 -22.32 -12.39 -24.14
C GLN A 220 -23.05 -13.61 -23.60
N HIS A 221 -22.33 -14.72 -23.41
CA HIS A 221 -22.95 -15.91 -22.86
C HIS A 221 -23.46 -15.65 -21.43
N LEU A 222 -22.68 -14.91 -20.64
CA LEU A 222 -23.14 -14.58 -19.30
C LEU A 222 -24.38 -13.71 -19.34
N HIS A 223 -24.59 -12.99 -20.44
CA HIS A 223 -25.80 -12.19 -20.58
C HIS A 223 -27.01 -13.06 -20.91
N ALA A 224 -26.79 -14.28 -21.39
CA ALA A 224 -27.90 -15.11 -21.85
C ALA A 224 -28.55 -15.86 -20.70
N TYR A 225 -27.77 -16.65 -19.98
CA TYR A 225 -28.34 -17.48 -18.91
C TYR A 225 -29.15 -16.66 -18.03
N VAL A 226 -28.49 -15.71 -17.38
CA VAL A 226 -29.18 -14.86 -16.42
C VAL A 226 -30.49 -14.37 -17.01
N ARG A 227 -30.46 -13.95 -18.28
CA ARG A 227 -31.68 -13.49 -18.93
C ARG A 227 -32.75 -14.58 -18.94
N THR A 228 -32.34 -15.83 -19.15
CA THR A 228 -33.33 -16.90 -19.14
C THR A 228 -33.53 -17.49 -17.75
N LYS A 229 -32.76 -17.05 -16.76
CA LYS A 229 -33.01 -17.47 -15.38
C LYS A 229 -33.75 -16.40 -14.57
N LEU A 230 -33.88 -15.20 -15.11
CA LEU A 230 -34.74 -14.17 -14.52
C LEU A 230 -36.14 -14.17 -15.13
N MET A 231 -36.39 -15.03 -16.11
CA MET A 231 -37.72 -15.10 -16.71
C MET A 231 -38.74 -15.67 -15.73
N ASP A 232 -38.31 -16.60 -14.88
CA ASP A 232 -39.26 -17.29 -14.01
C ASP A 232 -39.92 -16.34 -13.02
N THR A 233 -39.15 -15.42 -12.44
CA THR A 233 -39.72 -14.50 -11.47
C THR A 233 -40.75 -13.57 -12.11
N TYR A 234 -40.45 -13.05 -13.29
CA TYR A 234 -41.36 -12.17 -14.02
C TYR A 234 -41.67 -12.80 -15.37
N PRO A 235 -42.78 -13.52 -15.50
CA PRO A 235 -43.03 -14.26 -16.75
C PRO A 235 -43.27 -13.36 -17.95
N SER A 236 -44.14 -12.36 -17.83
CA SER A 236 -44.54 -11.51 -18.94
C SER A 236 -44.31 -10.04 -18.60
N TYR A 237 -43.13 -9.73 -18.07
CA TYR A 237 -42.78 -8.36 -17.71
C TYR A 237 -41.60 -7.81 -18.48
N ILE A 238 -40.67 -8.66 -18.92
CA ILE A 238 -39.49 -8.23 -19.67
C ILE A 238 -39.35 -9.13 -20.90
N SER A 239 -39.00 -8.50 -22.03
CA SER A 239 -38.88 -9.23 -23.28
C SER A 239 -37.71 -10.21 -23.23
N PRO A 240 -37.85 -11.38 -23.85
CA PRO A 240 -36.76 -12.38 -23.85
C PRO A 240 -35.70 -12.16 -24.91
N THR A 241 -35.66 -10.98 -25.54
CA THR A 241 -34.62 -10.71 -26.54
C THR A 241 -34.07 -9.29 -26.40
N GLY A 242 -34.27 -8.64 -25.25
CA GLY A 242 -33.84 -7.27 -25.07
C GLY A 242 -32.80 -7.10 -23.99
N CYS A 243 -32.61 -5.87 -23.53
CA CYS A 243 -31.61 -5.56 -22.52
C CYS A 243 -32.20 -5.73 -21.11
N LEU A 244 -31.33 -6.11 -20.18
CA LEU A 244 -31.75 -6.31 -18.80
C LEU A 244 -31.97 -4.96 -18.11
N PRO A 245 -33.12 -4.76 -17.45
CA PRO A 245 -33.35 -3.49 -16.76
C PRO A 245 -32.37 -3.29 -15.62
N ALA A 246 -32.09 -2.02 -15.31
CA ALA A 246 -31.06 -1.70 -14.32
C ALA A 246 -31.48 -2.08 -12.91
N HIS A 247 -32.76 -1.96 -12.58
CA HIS A 247 -33.20 -2.17 -11.21
C HIS A 247 -33.24 -3.64 -10.80
N LEU A 248 -33.02 -4.56 -11.74
CA LEU A 248 -32.98 -5.98 -11.44
C LEU A 248 -31.56 -6.53 -11.53
N LEU A 249 -30.57 -5.71 -11.19
CA LEU A 249 -29.17 -6.08 -11.30
C LEU A 249 -28.51 -6.38 -9.95
N GLY A 250 -29.30 -6.43 -8.87
CA GLY A 250 -28.77 -6.78 -7.57
C GLY A 250 -27.99 -5.68 -6.88
N ASP A 251 -27.96 -4.47 -7.44
CA ASP A 251 -27.26 -3.36 -6.82
C ASP A 251 -27.91 -2.06 -7.28
N MET A 252 -27.58 -0.98 -6.57
CA MET A 252 -28.20 0.31 -6.88
C MET A 252 -27.81 0.78 -8.29
N TRP A 253 -26.55 0.60 -8.68
CA TRP A 253 -26.08 1.06 -9.97
C TRP A 253 -25.67 -0.06 -10.90
N GLY A 254 -25.30 -1.23 -10.39
CA GLY A 254 -24.91 -2.35 -11.21
C GLY A 254 -23.42 -2.63 -11.26
N ARG A 255 -22.68 -2.30 -10.21
CA ARG A 255 -21.24 -2.55 -10.22
C ARG A 255 -20.93 -4.03 -10.13
N PHE A 256 -21.64 -4.76 -9.28
CA PHE A 256 -21.42 -6.18 -9.10
C PHE A 256 -22.72 -6.95 -9.30
N TRP A 257 -22.59 -8.17 -9.80
CA TRP A 257 -23.71 -9.08 -9.97
C TRP A 257 -23.73 -10.18 -8.92
N THR A 258 -22.94 -10.03 -7.85
CA THR A 258 -22.71 -11.10 -6.90
C THR A 258 -23.95 -11.46 -6.07
N ASN A 259 -24.98 -10.63 -6.08
CA ASN A 259 -26.18 -10.89 -5.29
C ASN A 259 -27.30 -11.49 -6.11
N LEU A 260 -27.04 -11.87 -7.36
CA LEU A 260 -27.98 -12.63 -8.15
C LEU A 260 -27.77 -14.15 -8.02
N TYR A 261 -26.83 -14.57 -7.18
CA TYR A 261 -26.54 -15.99 -7.02
C TYR A 261 -27.76 -16.81 -6.60
N PRO A 262 -28.53 -16.43 -5.57
CA PRO A 262 -29.70 -17.25 -5.23
C PRO A 262 -30.73 -17.34 -6.33
N LEU A 263 -30.86 -16.30 -7.17
CA LEU A 263 -31.80 -16.37 -8.29
C LEU A 263 -31.31 -17.31 -9.37
N THR A 264 -30.00 -17.31 -9.65
CA THR A 264 -29.41 -18.11 -10.70
C THR A 264 -28.37 -19.03 -10.06
N VAL A 265 -28.81 -20.22 -9.65
CA VAL A 265 -27.91 -21.24 -9.12
C VAL A 265 -28.16 -22.53 -9.90
N PRO A 266 -27.13 -23.17 -10.42
CA PRO A 266 -27.37 -24.36 -11.27
C PRO A 266 -27.79 -25.58 -10.47
N PHE A 267 -27.15 -25.84 -9.34
CA PHE A 267 -27.43 -27.03 -8.53
C PHE A 267 -27.47 -26.62 -7.07
N GLY A 268 -28.68 -26.46 -6.52
CA GLY A 268 -28.86 -26.03 -5.16
C GLY A 268 -28.79 -27.13 -4.12
N GLN A 269 -28.62 -28.38 -4.53
CA GLN A 269 -28.56 -29.50 -3.58
C GLN A 269 -27.19 -29.72 -2.98
N LYS A 270 -26.14 -29.11 -3.55
CA LYS A 270 -24.78 -29.32 -3.07
C LYS A 270 -24.29 -28.06 -2.38
N PRO A 271 -23.99 -28.11 -1.08
CA PRO A 271 -23.54 -26.91 -0.39
C PRO A 271 -22.13 -26.52 -0.79
N ASN A 272 -21.85 -25.23 -0.70
CA ASN A 272 -20.51 -24.73 -1.01
C ASN A 272 -19.53 -25.16 0.05
N ILE A 273 -18.25 -24.90 -0.21
CA ILE A 273 -17.16 -25.29 0.69
C ILE A 273 -17.18 -24.32 1.85
N ASP A 274 -17.75 -24.74 2.98
CA ASP A 274 -17.81 -23.92 4.18
C ASP A 274 -17.25 -24.72 5.35
N VAL A 275 -16.34 -24.11 6.10
CA VAL A 275 -15.68 -24.77 7.22
C VAL A 275 -15.90 -24.02 8.53
N THR A 276 -16.95 -23.19 8.59
CA THR A 276 -17.23 -22.45 9.83
C THR A 276 -17.60 -23.39 10.97
N ASN A 277 -18.38 -24.42 10.67
CA ASN A 277 -18.80 -25.35 11.72
C ASN A 277 -17.60 -26.10 12.30
N ALA A 278 -16.66 -26.49 11.45
CA ALA A 278 -15.45 -27.15 11.95
C ALA A 278 -14.64 -26.24 12.85
N MET A 279 -14.55 -24.95 12.49
CA MET A 279 -13.88 -24.00 13.36
C MET A 279 -14.59 -23.85 14.69
N VAL A 280 -15.93 -23.83 14.67
CA VAL A 280 -16.70 -23.72 15.91
C VAL A 280 -16.47 -24.94 16.79
N ASN A 281 -16.39 -26.14 16.18
CA ASN A 281 -16.21 -27.36 16.95
C ASN A 281 -14.89 -27.35 17.72
N GLN A 282 -13.82 -26.88 17.07
CA GLN A 282 -12.48 -26.92 17.64
C GLN A 282 -12.16 -25.68 18.46
N SER A 283 -13.11 -24.75 18.59
CA SER A 283 -12.98 -23.54 19.41
C SER A 283 -11.77 -22.71 18.99
N TRP A 284 -11.83 -22.23 17.75
CA TRP A 284 -10.79 -21.36 17.21
C TRP A 284 -10.96 -19.93 17.71
N ASP A 285 -9.90 -19.14 17.55
CA ASP A 285 -9.93 -17.73 17.91
C ASP A 285 -9.07 -16.97 16.89
N ALA A 286 -8.95 -15.66 17.11
CA ALA A 286 -8.28 -14.80 16.13
C ALA A 286 -6.80 -15.15 16.00
N ARG A 287 -6.14 -15.42 17.12
CA ARG A 287 -4.71 -15.70 17.09
C ARG A 287 -4.41 -16.96 16.28
N LYS A 288 -5.28 -17.98 16.39
CA LYS A 288 -5.10 -19.17 15.57
C LYS A 288 -5.20 -18.85 14.09
N ILE A 289 -6.17 -18.01 13.71
CA ILE A 289 -6.34 -17.65 12.31
C ILE A 289 -5.11 -16.94 11.78
N PHE A 290 -4.61 -15.96 12.55
CA PHE A 290 -3.45 -15.21 12.08
C PHE A 290 -2.18 -16.04 12.09
N LYS A 291 -2.06 -16.99 13.03
CA LYS A 291 -0.91 -17.90 12.98
C LYS A 291 -0.99 -18.83 11.77
N GLU A 292 -2.20 -19.27 11.40
CA GLU A 292 -2.34 -20.06 10.19
C GLU A 292 -1.94 -19.25 8.96
N ALA A 293 -2.34 -17.99 8.90
CA ALA A 293 -1.93 -17.13 7.80
C ALA A 293 -0.42 -16.93 7.78
N GLU A 294 0.19 -16.76 8.95
CA GLU A 294 1.64 -16.62 9.01
C GLU A 294 2.32 -17.88 8.51
N LYS A 295 1.79 -19.05 8.87
CA LYS A 295 2.32 -20.31 8.35
C LYS A 295 2.22 -20.36 6.84
N PHE A 296 1.07 -19.95 6.30
CA PHE A 296 0.90 -19.99 4.85
C PHE A 296 1.92 -19.09 4.15
N PHE A 297 2.14 -17.89 4.68
CA PHE A 297 3.10 -16.98 4.04
C PHE A 297 4.55 -17.35 4.28
N VAL A 298 4.86 -18.08 5.36
CA VAL A 298 6.25 -18.48 5.57
C VAL A 298 6.60 -19.77 4.86
N SER A 299 5.60 -20.61 4.54
CA SER A 299 5.88 -21.85 3.83
C SER A 299 6.30 -21.61 2.39
N VAL A 300 6.00 -20.44 1.84
CA VAL A 300 6.31 -20.16 0.44
C VAL A 300 7.61 -19.37 0.35
N GLY A 301 8.37 -19.34 1.43
CA GLY A 301 9.68 -18.73 1.43
C GLY A 301 9.75 -17.27 1.82
N LEU A 302 8.61 -16.61 1.99
CA LEU A 302 8.62 -15.22 2.41
C LEU A 302 9.03 -15.13 3.89
N PRO A 303 9.47 -13.95 4.34
CA PRO A 303 9.87 -13.80 5.74
C PRO A 303 8.67 -13.83 6.69
N ASN A 304 8.93 -13.63 7.98
CA ASN A 304 7.84 -13.74 8.99
C ASN A 304 7.42 -12.34 9.45
N MET A 305 6.75 -12.28 10.60
CA MET A 305 6.22 -11.05 11.18
C MET A 305 7.06 -10.61 12.38
N THR A 306 7.25 -9.30 12.51
CA THR A 306 8.09 -8.74 13.55
C THR A 306 7.42 -8.88 14.92
N GLN A 307 8.23 -8.65 15.96
CA GLN A 307 7.75 -8.83 17.34
C GLN A 307 6.63 -7.86 17.68
N GLY A 308 6.76 -6.60 17.25
CA GLY A 308 5.77 -5.59 17.60
C GLY A 308 4.41 -5.80 16.95
N PHE A 309 4.34 -6.66 15.95
CA PHE A 309 3.08 -6.86 15.24
C PHE A 309 2.00 -7.44 16.16
N TRP A 310 2.36 -8.42 16.97
CA TRP A 310 1.38 -9.04 17.87
C TRP A 310 1.06 -8.19 19.07
N GLU A 311 1.91 -7.22 19.42
CA GLU A 311 1.71 -6.39 20.60
C GLU A 311 0.96 -5.09 20.30
N ASN A 312 1.22 -4.47 19.15
CA ASN A 312 0.63 -3.17 18.86
C ASN A 312 -0.63 -3.25 18.00
N SER A 313 -0.94 -4.40 17.41
CA SER A 313 -2.08 -4.50 16.51
C SER A 313 -3.36 -4.77 17.27
N MET A 314 -4.48 -4.31 16.70
CA MET A 314 -5.81 -4.57 17.23
C MET A 314 -6.48 -5.63 16.36
N LEU A 315 -6.89 -6.73 16.98
CA LEU A 315 -7.39 -7.88 16.23
C LEU A 315 -8.72 -8.41 16.77
N THR A 316 -9.53 -7.56 17.40
CA THR A 316 -10.82 -8.00 17.92
C THR A 316 -11.66 -6.77 18.25
N GLU A 317 -12.95 -7.01 18.44
CA GLU A 317 -13.84 -5.97 18.93
C GLU A 317 -13.46 -5.58 20.36
N PRO A 318 -13.35 -4.29 20.67
CA PRO A 318 -13.20 -3.89 22.07
C PRO A 318 -14.55 -3.83 22.77
N SER A 319 -14.77 -4.73 23.73
CA SER A 319 -16.05 -4.87 24.40
C SER A 319 -16.20 -3.96 25.61
N ASP A 320 -15.38 -2.92 25.73
CA ASP A 320 -15.42 -2.00 26.85
C ASP A 320 -16.25 -0.75 26.56
N SER A 321 -17.28 -0.86 25.72
CA SER A 321 -18.26 0.16 25.40
C SER A 321 -17.68 1.37 24.66
N TRP A 322 -16.44 1.29 24.17
CA TRP A 322 -15.92 2.36 23.33
C TRP A 322 -16.25 2.10 21.86
N LYS A 323 -16.52 3.18 21.13
CA LYS A 323 -16.94 3.08 19.74
C LYS A 323 -15.74 2.97 18.82
N VAL A 324 -15.81 2.04 17.87
CA VAL A 324 -14.77 1.86 16.85
C VAL A 324 -15.44 1.65 15.51
N VAL A 325 -14.68 1.93 14.45
CA VAL A 325 -15.10 1.62 13.08
C VAL A 325 -14.57 0.26 12.64
N CYS A 326 -13.27 0.05 12.80
CA CYS A 326 -12.62 -1.25 12.60
C CYS A 326 -12.93 -1.86 11.23
N HIS A 327 -13.04 -1.00 10.22
CA HIS A 327 -13.08 -1.48 8.85
C HIS A 327 -11.73 -2.10 8.51
N PRO A 328 -11.69 -3.24 7.83
CA PRO A 328 -10.42 -3.97 7.66
C PRO A 328 -9.39 -3.15 6.89
N THR A 329 -8.29 -2.84 7.57
CA THR A 329 -7.20 -2.06 6.98
C THR A 329 -5.86 -2.59 7.47
N ALA A 330 -4.82 -2.28 6.70
CA ALA A 330 -3.44 -2.57 7.07
C ALA A 330 -2.64 -1.28 6.99
N TRP A 331 -1.88 -0.98 8.04
CA TRP A 331 -1.18 0.28 8.18
C TRP A 331 0.32 0.05 8.24
N ASP A 332 1.06 0.82 7.44
CA ASP A 332 2.52 0.90 7.53
C ASP A 332 2.81 2.34 7.97
N LEU A 333 2.80 2.55 9.28
CA LEU A 333 2.94 3.90 9.82
C LEU A 333 4.28 4.51 9.47
N GLY A 334 5.32 3.70 9.33
CA GLY A 334 6.62 4.20 8.98
C GLY A 334 7.67 3.86 10.01
N ARG A 335 8.90 3.63 9.55
CA ARG A 335 10.04 3.32 10.41
C ARG A 335 9.79 2.07 11.25
N GLY A 336 9.53 0.96 10.54
CA GLY A 336 9.41 -0.33 11.17
C GLY A 336 8.08 -0.63 11.82
N ASP A 337 7.12 0.28 11.75
CA ASP A 337 5.83 0.10 12.40
C ASP A 337 4.84 -0.50 11.40
N PHE A 338 4.33 -1.69 11.70
CA PHE A 338 3.34 -2.37 10.87
C PHE A 338 2.20 -2.84 11.75
N ARG A 339 0.97 -2.54 11.35
CA ARG A 339 -0.20 -2.91 12.13
C ARG A 339 -1.33 -3.36 11.21
N ILE A 340 -2.23 -4.16 11.76
CA ILE A 340 -3.42 -4.63 11.04
C ILE A 340 -4.62 -4.40 11.93
N LYS A 341 -5.68 -3.81 11.37
CA LYS A 341 -6.86 -3.44 12.14
C LYS A 341 -8.09 -4.06 11.47
N MET A 342 -8.79 -4.91 12.21
CA MET A 342 -9.98 -5.60 11.69
C MET A 342 -10.70 -6.27 12.85
N CYS A 343 -12.02 -6.15 12.86
CA CYS A 343 -12.86 -6.80 13.87
C CYS A 343 -13.01 -8.27 13.49
N THR A 344 -12.27 -9.13 14.19
CA THR A 344 -12.24 -10.55 13.86
C THR A 344 -13.49 -11.26 14.36
N LYS A 345 -13.96 -12.21 13.56
CA LYS A 345 -15.06 -13.08 13.94
C LYS A 345 -14.66 -14.53 13.74
N VAL A 346 -15.61 -15.46 13.87
CA VAL A 346 -15.30 -16.88 13.84
C VAL A 346 -15.94 -17.55 12.63
N THR A 347 -16.10 -16.81 11.54
CA THR A 347 -16.67 -17.34 10.30
C THR A 347 -15.59 -17.53 9.25
N MET A 348 -15.96 -18.22 8.18
CA MET A 348 -15.00 -18.51 7.11
C MET A 348 -14.64 -17.27 6.30
N ASP A 349 -15.52 -16.27 6.29
CA ASP A 349 -15.28 -15.09 5.45
C ASP A 349 -14.03 -14.33 5.90
N ASP A 350 -13.82 -14.21 7.21
CA ASP A 350 -12.64 -13.53 7.72
C ASP A 350 -11.36 -14.30 7.44
N PHE A 351 -11.45 -15.60 7.16
CA PHE A 351 -10.26 -16.38 6.86
C PHE A 351 -9.57 -15.88 5.60
N LEU A 352 -10.35 -15.42 4.63
CA LEU A 352 -9.76 -14.88 3.41
C LEU A 352 -9.15 -13.49 3.65
N THR A 353 -9.86 -12.64 4.40
CA THR A 353 -9.32 -11.32 4.71
C THR A 353 -8.04 -11.38 5.53
N ALA A 354 -7.88 -12.44 6.33
CA ALA A 354 -6.64 -12.60 7.08
C ALA A 354 -5.44 -12.68 6.14
N HIS A 355 -5.58 -13.45 5.05
CA HIS A 355 -4.51 -13.52 4.06
C HIS A 355 -4.44 -12.24 3.24
N HIS A 356 -5.60 -11.64 2.96
CA HIS A 356 -5.65 -10.45 2.12
C HIS A 356 -4.88 -9.30 2.74
N GLU A 357 -5.01 -9.09 4.05
CA GLU A 357 -4.29 -8.01 4.72
C GLU A 357 -2.81 -8.35 4.89
N MET A 358 -2.50 -9.61 5.18
CA MET A 358 -1.11 -10.01 5.33
C MET A 358 -0.34 -9.82 4.02
N GLY A 359 -1.01 -9.99 2.89
CA GLY A 359 -0.37 -9.71 1.62
C GLY A 359 0.06 -8.26 1.50
N HIS A 360 -0.83 -7.34 1.86
CA HIS A 360 -0.48 -5.92 1.86
C HIS A 360 0.68 -5.65 2.80
N ILE A 361 0.64 -6.25 3.99
CA ILE A 361 1.71 -6.00 4.96
C ILE A 361 3.05 -6.50 4.44
N GLN A 362 3.07 -7.69 3.84
CA GLN A 362 4.31 -8.23 3.29
C GLN A 362 4.83 -7.35 2.15
N TYR A 363 3.94 -6.89 1.28
CA TYR A 363 4.38 -6.03 0.19
C TYR A 363 4.94 -4.71 0.73
N ASP A 364 4.34 -4.17 1.79
CA ASP A 364 4.89 -2.99 2.43
C ASP A 364 6.28 -3.25 3.00
N MET A 365 6.44 -4.37 3.70
CA MET A 365 7.75 -4.69 4.28
C MET A 365 8.81 -4.94 3.22
N ALA A 366 8.41 -5.34 2.02
CA ALA A 366 9.40 -5.72 1.01
C ALA A 366 10.30 -4.55 0.63
N TYR A 367 9.74 -3.36 0.43
CA TYR A 367 10.48 -2.25 -0.16
C TYR A 367 10.90 -1.19 0.86
N ALA A 368 11.03 -1.57 2.14
CA ALA A 368 11.39 -0.60 3.16
C ALA A 368 12.80 -0.04 2.97
N ALA A 369 13.67 -0.76 2.25
CA ALA A 369 15.04 -0.32 2.07
C ALA A 369 15.21 0.75 0.99
N GLN A 370 14.20 0.96 0.16
CA GLN A 370 14.27 1.97 -0.88
C GLN A 370 14.19 3.37 -0.26
N PRO A 371 14.63 4.40 -0.98
CA PRO A 371 14.43 5.77 -0.51
C PRO A 371 12.96 6.06 -0.26
N PHE A 372 12.71 7.12 0.51
CA PHE A 372 11.37 7.39 1.00
C PHE A 372 10.38 7.63 -0.14
N LEU A 373 10.81 8.37 -1.16
CA LEU A 373 9.90 8.71 -2.25
C LEU A 373 9.56 7.52 -3.14
N LEU A 374 10.23 6.38 -2.97
CA LEU A 374 10.02 5.21 -3.80
C LEU A 374 9.28 4.08 -3.07
N ARG A 375 8.75 4.35 -1.88
CA ARG A 375 8.06 3.34 -1.10
C ARG A 375 6.58 3.33 -1.48
N ASN A 376 6.26 2.64 -2.55
CA ASN A 376 4.89 2.49 -3.02
C ASN A 376 4.86 1.35 -4.02
N GLY A 377 3.71 1.16 -4.68
CA GLY A 377 3.60 0.18 -5.73
C GLY A 377 4.09 0.71 -7.07
N ALA A 378 4.24 -0.21 -8.03
CA ALA A 378 4.68 0.18 -9.35
C ALA A 378 3.67 1.12 -10.02
N ASN A 379 2.39 0.80 -9.91
CA ASN A 379 1.33 1.71 -10.34
C ASN A 379 0.15 1.52 -9.40
N GLU A 380 -1.01 2.05 -9.80
CA GLU A 380 -2.17 2.07 -8.92
C GLU A 380 -2.90 0.74 -8.85
N GLY A 381 -2.35 -0.33 -9.42
CA GLY A 381 -3.03 -1.61 -9.40
C GLY A 381 -2.22 -2.76 -8.84
N PHE A 382 -0.90 -2.59 -8.75
CA PHE A 382 -0.04 -3.67 -8.28
C PHE A 382 -0.31 -3.98 -6.81
N HIS A 383 -0.49 -2.95 -5.99
CA HIS A 383 -0.60 -3.12 -4.55
C HIS A 383 -1.79 -4.00 -4.20
N GLU A 384 -2.94 -3.75 -4.81
CA GLU A 384 -4.12 -4.57 -4.55
C GLU A 384 -4.07 -5.91 -5.25
N ALA A 385 -3.44 -5.98 -6.43
CA ALA A 385 -3.37 -7.25 -7.15
C ALA A 385 -2.49 -8.26 -6.42
N VAL A 386 -1.49 -7.80 -5.69
CA VAL A 386 -0.61 -8.73 -4.96
C VAL A 386 -1.40 -9.46 -3.88
N GLY A 387 -2.33 -8.77 -3.21
CA GLY A 387 -3.04 -9.36 -2.10
C GLY A 387 -4.25 -10.21 -2.45
N GLU A 388 -4.58 -10.34 -3.74
CA GLU A 388 -5.72 -11.16 -4.14
C GLU A 388 -5.31 -12.60 -4.44
N ILE A 389 -4.08 -12.80 -4.94
CA ILE A 389 -3.63 -14.15 -5.27
C ILE A 389 -3.48 -14.99 -4.02
N MET A 390 -3.13 -14.37 -2.88
CA MET A 390 -3.06 -15.11 -1.62
C MET A 390 -4.43 -15.63 -1.21
N SER A 391 -5.47 -14.81 -1.32
CA SER A 391 -6.82 -15.28 -1.02
C SER A 391 -7.26 -16.35 -1.99
N LEU A 392 -6.88 -16.21 -3.27
CA LEU A 392 -7.22 -17.23 -4.25
C LEU A 392 -6.57 -18.57 -3.90
N SER A 393 -5.30 -18.54 -3.50
CA SER A 393 -4.58 -19.76 -3.17
C SER A 393 -4.98 -20.32 -1.81
N ALA A 394 -5.58 -19.52 -0.94
CA ALA A 394 -5.96 -19.95 0.39
C ALA A 394 -7.41 -20.42 0.49
N ALA A 395 -8.13 -20.47 -0.63
CA ALA A 395 -9.53 -20.88 -0.63
C ALA A 395 -9.76 -22.14 -1.43
N THR A 396 -8.70 -22.91 -1.72
CA THR A 396 -8.77 -24.11 -2.51
C THR A 396 -8.95 -25.33 -1.63
N PRO A 397 -9.63 -26.37 -2.14
CA PRO A 397 -9.83 -27.58 -1.33
C PRO A 397 -8.55 -28.22 -0.83
N ASN A 398 -7.48 -28.18 -1.64
CA ASN A 398 -6.24 -28.84 -1.24
C ASN A 398 -5.65 -28.19 0.02
N HIS A 399 -5.64 -26.85 0.06
CA HIS A 399 -5.10 -26.16 1.23
C HIS A 399 -5.95 -26.42 2.47
N LEU A 400 -7.28 -26.41 2.31
CA LEU A 400 -8.16 -26.66 3.45
C LEU A 400 -7.97 -28.06 3.99
N LYS A 401 -7.83 -29.05 3.10
CA LYS A 401 -7.57 -30.41 3.55
C LYS A 401 -6.20 -30.53 4.23
N ASN A 402 -5.18 -29.88 3.66
CA ASN A 402 -3.84 -29.99 4.22
C ASN A 402 -3.76 -29.35 5.61
N ILE A 403 -4.42 -28.21 5.80
CA ILE A 403 -4.36 -27.53 7.09
C ILE A 403 -5.01 -28.39 8.17
N GLY A 404 -6.18 -28.95 7.89
CA GLY A 404 -6.82 -29.86 8.82
C GLY A 404 -8.27 -29.52 9.14
N LEU A 405 -8.74 -28.37 8.65
CA LEU A 405 -10.11 -27.94 8.92
C LEU A 405 -11.15 -28.76 8.17
N LEU A 406 -10.74 -29.63 7.27
CA LEU A 406 -11.64 -30.40 6.45
C LEU A 406 -11.39 -31.89 6.62
N PRO A 407 -12.43 -32.72 6.62
CA PRO A 407 -12.22 -34.17 6.78
C PRO A 407 -11.46 -34.72 5.59
N PRO A 408 -10.66 -35.77 5.80
CA PRO A 408 -9.90 -36.35 4.67
C PRO A 408 -10.75 -37.12 3.68
N SER A 409 -11.97 -37.50 4.04
CA SER A 409 -12.84 -38.24 3.14
C SER A 409 -13.56 -37.35 2.13
N PHE A 410 -13.37 -36.03 2.21
CA PHE A 410 -14.03 -35.12 1.29
C PHE A 410 -13.49 -35.29 -0.13
N PHE A 411 -14.38 -35.22 -1.11
CA PHE A 411 -14.04 -35.34 -2.51
C PHE A 411 -14.48 -34.10 -3.27
N GLU A 412 -14.14 -34.05 -4.55
CA GLU A 412 -14.46 -32.92 -5.43
C GLU A 412 -15.42 -33.40 -6.50
N ASP A 413 -16.49 -32.63 -6.71
CA ASP A 413 -17.50 -32.96 -7.70
C ASP A 413 -17.52 -31.91 -8.82
N SER A 414 -17.92 -32.36 -10.01
CA SER A 414 -17.97 -31.47 -11.15
C SER A 414 -18.98 -30.35 -10.95
N GLU A 415 -20.16 -30.68 -10.41
CA GLU A 415 -21.16 -29.67 -10.12
C GLU A 415 -20.66 -28.63 -9.14
N THR A 416 -19.90 -29.06 -8.12
CA THR A 416 -19.32 -28.11 -7.18
C THR A 416 -18.38 -27.14 -7.89
N GLU A 417 -17.54 -27.66 -8.77
CA GLU A 417 -16.61 -26.80 -9.50
C GLU A 417 -17.36 -25.82 -10.40
N ILE A 418 -18.40 -26.29 -11.09
CA ILE A 418 -19.17 -25.40 -11.95
C ILE A 418 -19.84 -24.30 -11.13
N ASN A 419 -20.43 -24.66 -9.99
CA ASN A 419 -21.08 -23.66 -9.16
C ASN A 419 -20.08 -22.65 -8.61
N PHE A 420 -18.91 -23.12 -8.17
CA PHE A 420 -17.89 -22.21 -7.67
C PHE A 420 -17.40 -21.27 -8.77
N LEU A 421 -17.20 -21.79 -9.98
CA LEU A 421 -16.77 -20.95 -11.09
C LEU A 421 -17.82 -19.90 -11.42
N LEU A 422 -19.10 -20.28 -11.44
CA LEU A 422 -20.14 -19.29 -11.71
C LEU A 422 -20.22 -18.25 -10.60
N LYS A 423 -20.05 -18.66 -9.34
CA LYS A 423 -20.07 -17.72 -8.23
C LYS A 423 -18.94 -16.70 -8.35
N GLN A 424 -17.74 -17.16 -8.68
CA GLN A 424 -16.63 -16.23 -8.84
C GLN A 424 -16.81 -15.36 -10.08
N ALA A 425 -17.36 -15.93 -11.16
CA ALA A 425 -17.54 -15.18 -12.39
C ALA A 425 -18.54 -14.04 -12.22
N LEU A 426 -19.67 -14.30 -11.55
CA LEU A 426 -20.66 -13.27 -11.32
C LEU A 426 -20.10 -12.07 -10.58
N THR A 427 -19.04 -12.25 -9.80
CA THR A 427 -18.38 -11.16 -9.10
C THR A 427 -17.28 -10.50 -9.92
N ILE A 428 -16.50 -11.26 -10.67
CA ILE A 428 -15.35 -10.69 -11.36
C ILE A 428 -15.72 -10.21 -12.76
N VAL A 429 -16.21 -11.13 -13.60
CA VAL A 429 -16.37 -10.82 -15.02
C VAL A 429 -17.47 -9.79 -15.26
N GLY A 430 -18.49 -9.74 -14.40
CA GLY A 430 -19.62 -8.86 -14.65
C GLY A 430 -19.35 -7.40 -14.38
N THR A 431 -18.23 -7.06 -13.75
CA THR A 431 -17.93 -5.69 -13.41
C THR A 431 -17.07 -4.97 -14.46
N LEU A 432 -16.64 -5.67 -15.51
CA LEU A 432 -15.71 -5.09 -16.46
C LEU A 432 -16.38 -4.15 -17.45
N PRO A 433 -17.50 -4.52 -18.09
CA PRO A 433 -18.16 -3.55 -18.99
C PRO A 433 -18.59 -2.27 -18.30
N PHE A 434 -19.09 -2.35 -17.07
CA PHE A 434 -19.49 -1.16 -16.35
C PHE A 434 -18.29 -0.27 -16.05
N THR A 435 -17.20 -0.87 -15.58
CA THR A 435 -15.99 -0.10 -15.28
C THR A 435 -15.44 0.58 -16.52
N TYR A 436 -15.41 -0.14 -17.65
CA TYR A 436 -14.94 0.45 -18.89
C TYR A 436 -15.86 1.56 -19.38
N MET A 437 -17.18 1.36 -19.26
CA MET A 437 -18.14 2.34 -19.75
C MET A 437 -18.06 3.65 -18.97
N LEU A 438 -17.95 3.56 -17.64
CA LEU A 438 -17.89 4.78 -16.85
C LEU A 438 -16.67 5.62 -17.21
N GLU A 439 -15.51 4.97 -17.33
CA GLU A 439 -14.30 5.70 -17.69
C GLU A 439 -14.37 6.25 -19.10
N LYS A 440 -14.96 5.49 -20.04
CA LYS A 440 -15.10 6.01 -21.39
C LYS A 440 -15.98 7.25 -21.42
N TRP A 441 -17.11 7.21 -20.72
CA TRP A 441 -17.99 8.38 -20.66
C TRP A 441 -17.27 9.58 -20.04
N ARG A 442 -16.57 9.35 -18.92
CA ARG A 442 -15.90 10.46 -18.26
C ARG A 442 -14.79 11.05 -19.13
N TRP A 443 -14.02 10.19 -19.81
CA TRP A 443 -12.97 10.69 -20.68
C TRP A 443 -13.54 11.50 -21.83
N MET A 444 -14.61 11.00 -22.46
CA MET A 444 -15.21 11.76 -23.56
C MET A 444 -15.77 13.08 -23.08
N VAL A 445 -16.40 13.11 -21.91
CA VAL A 445 -16.96 14.36 -21.38
C VAL A 445 -15.84 15.34 -21.06
N PHE A 446 -14.76 14.86 -20.45
CA PHE A 446 -13.62 15.74 -20.16
C PHE A 446 -13.01 16.31 -21.42
N LYS A 447 -12.92 15.50 -22.48
CA LYS A 447 -12.48 16.02 -23.77
C LYS A 447 -13.42 17.09 -24.29
N GLY A 448 -14.69 17.04 -23.91
CA GLY A 448 -15.67 18.01 -24.35
C GLY A 448 -16.28 17.72 -25.70
N GLU A 449 -15.96 16.58 -26.32
CA GLU A 449 -16.53 16.25 -27.62
C GLU A 449 -18.04 16.10 -27.54
N ILE A 450 -18.53 15.43 -26.51
CA ILE A 450 -19.98 15.21 -26.37
C ILE A 450 -20.66 16.55 -26.07
N PRO A 451 -21.70 16.93 -26.82
CA PRO A 451 -22.42 18.16 -26.50
C PRO A 451 -23.05 18.10 -25.11
N LYS A 452 -23.04 19.24 -24.43
CA LYS A 452 -23.59 19.31 -23.09
C LYS A 452 -25.10 19.10 -23.06
N ASP A 453 -25.79 19.40 -24.15
CA ASP A 453 -27.24 19.38 -24.18
C ASP A 453 -27.83 18.00 -24.44
N GLN A 454 -27.00 16.99 -24.68
CA GLN A 454 -27.48 15.65 -24.99
C GLN A 454 -26.80 14.59 -24.14
N TRP A 455 -26.30 14.99 -22.96
CA TRP A 455 -25.50 14.08 -22.13
C TRP A 455 -26.26 12.79 -21.85
N MET A 456 -27.48 12.89 -21.32
CA MET A 456 -28.29 11.70 -21.12
C MET A 456 -28.52 10.97 -22.43
N LYS A 457 -28.88 11.72 -23.48
CA LYS A 457 -29.11 11.10 -24.78
C LYS A 457 -27.86 10.37 -25.28
N THR A 458 -26.69 10.75 -24.76
CA THR A 458 -25.49 9.99 -25.09
C THR A 458 -25.26 8.87 -24.08
N TRP A 459 -25.45 9.15 -22.79
CA TRP A 459 -25.09 8.19 -21.76
C TRP A 459 -25.83 6.88 -21.94
N TRP A 460 -27.17 6.94 -22.03
CA TRP A 460 -27.94 5.73 -22.28
C TRP A 460 -27.59 5.11 -23.62
N GLU A 461 -27.21 5.92 -24.60
CA GLU A 461 -26.78 5.36 -25.88
C GLU A 461 -25.60 4.43 -25.70
N MET A 462 -24.72 4.75 -24.73
CA MET A 462 -23.65 3.82 -24.40
C MET A 462 -24.18 2.58 -23.68
N LYS A 463 -25.12 2.78 -22.77
CA LYS A 463 -25.55 1.69 -21.90
C LYS A 463 -26.11 0.52 -22.71
N ARG A 464 -26.96 0.82 -23.70
CA ARG A 464 -27.46 -0.23 -24.57
C ARG A 464 -26.34 -0.82 -25.43
N ASN A 465 -25.45 0.04 -25.92
CA ASN A 465 -24.47 -0.41 -26.91
C ASN A 465 -23.32 -1.19 -26.29
N ILE A 466 -22.95 -0.91 -25.05
CA ILE A 466 -21.78 -1.54 -24.46
C ILE A 466 -22.18 -2.60 -23.45
N VAL A 467 -22.89 -2.22 -22.40
CA VAL A 467 -23.22 -3.15 -21.33
C VAL A 467 -24.60 -3.77 -21.50
N GLY A 468 -25.43 -3.24 -22.40
CA GLY A 468 -26.74 -3.81 -22.63
C GLY A 468 -27.70 -3.70 -21.46
N VAL A 469 -27.78 -2.52 -20.84
CA VAL A 469 -28.72 -2.26 -19.75
C VAL A 469 -29.63 -1.11 -20.17
N VAL A 470 -30.94 -1.33 -20.08
CA VAL A 470 -31.94 -0.37 -20.55
C VAL A 470 -32.65 0.22 -19.34
N GLU A 471 -32.89 1.53 -19.39
CA GLU A 471 -33.58 2.21 -18.31
C GLU A 471 -35.05 1.79 -18.26
N PRO A 472 -35.65 1.76 -17.07
CA PRO A 472 -37.07 1.40 -16.97
C PRO A 472 -37.99 2.57 -17.29
N VAL A 473 -37.54 3.79 -17.01
CA VAL A 473 -38.36 4.98 -17.19
C VAL A 473 -37.59 5.99 -18.02
N PRO A 474 -38.19 6.59 -19.06
CA PRO A 474 -37.49 7.62 -19.83
C PRO A 474 -37.16 8.83 -18.96
N HIS A 475 -36.01 9.43 -19.24
CA HIS A 475 -35.51 10.58 -18.48
C HIS A 475 -35.10 11.70 -19.42
N ASP A 476 -35.28 12.93 -18.95
CA ASP A 476 -34.86 14.11 -19.70
C ASP A 476 -33.45 14.50 -19.26
N GLU A 477 -33.00 15.68 -19.68
CA GLU A 477 -31.65 16.15 -19.36
C GLU A 477 -31.54 16.75 -17.96
N THR A 478 -32.65 16.84 -17.21
CA THR A 478 -32.58 17.38 -15.87
C THR A 478 -31.74 16.49 -14.96
N TYR A 479 -31.88 15.17 -15.08
CA TYR A 479 -31.14 14.25 -14.23
C TYR A 479 -29.66 14.25 -14.58
N CYS A 480 -28.86 13.73 -13.63
CA CYS A 480 -27.42 13.54 -13.83
C CYS A 480 -27.08 12.18 -13.22
N ASP A 481 -27.13 11.14 -14.05
CA ASP A 481 -26.97 9.77 -13.55
C ASP A 481 -25.60 9.50 -12.94
N PRO A 482 -24.47 9.77 -13.61
CA PRO A 482 -23.19 9.28 -13.08
C PRO A 482 -22.85 9.79 -11.69
N ALA A 483 -23.39 10.94 -11.28
CA ALA A 483 -23.09 11.47 -9.97
C ALA A 483 -23.58 10.56 -8.85
N SER A 484 -24.48 9.62 -9.15
CA SER A 484 -25.01 8.72 -8.13
C SER A 484 -23.95 7.82 -7.53
N LEU A 485 -22.80 7.66 -8.18
CA LEU A 485 -21.74 6.81 -7.67
C LEU A 485 -20.86 7.56 -6.68
N PHE A 486 -20.40 6.84 -5.65
CA PHE A 486 -19.51 7.44 -4.66
C PHE A 486 -18.19 7.86 -5.29
N HIS A 487 -17.66 7.07 -6.21
CA HIS A 487 -16.39 7.37 -6.86
C HIS A 487 -16.50 8.48 -7.89
N VAL A 488 -17.71 8.93 -8.23
CA VAL A 488 -17.90 10.01 -9.18
C VAL A 488 -18.23 11.32 -8.48
N ALA A 489 -19.04 11.27 -7.42
CA ALA A 489 -19.31 12.46 -6.63
C ALA A 489 -18.02 13.03 -6.03
N ASN A 490 -17.07 12.16 -5.69
CA ASN A 490 -15.74 12.57 -5.28
C ASN A 490 -14.77 12.31 -6.42
N ASP A 491 -13.81 13.21 -6.60
CA ASP A 491 -12.82 13.05 -7.66
C ASP A 491 -11.95 11.83 -7.38
N TYR A 492 -12.10 10.79 -8.20
CA TYR A 492 -11.35 9.55 -8.01
C TYR A 492 -11.23 8.82 -9.34
N SER A 493 -10.04 8.26 -9.59
CA SER A 493 -9.84 7.45 -10.78
C SER A 493 -10.61 6.14 -10.68
N PHE A 494 -11.15 5.70 -11.81
CA PHE A 494 -11.94 4.48 -11.87
C PHE A 494 -11.33 3.42 -12.78
N ILE A 495 -10.10 3.61 -13.25
CA ILE A 495 -9.47 2.64 -14.14
C ILE A 495 -8.58 1.65 -13.41
N ARG A 496 -8.47 1.76 -12.09
CA ARG A 496 -7.60 0.86 -11.33
C ARG A 496 -8.09 -0.58 -11.40
N TYR A 497 -9.40 -0.78 -11.29
CA TYR A 497 -9.95 -2.13 -11.18
C TYR A 497 -9.74 -2.92 -12.47
N TYR A 498 -9.87 -2.28 -13.62
CA TYR A 498 -9.67 -2.96 -14.89
C TYR A 498 -8.25 -3.52 -14.99
N THR A 499 -7.26 -2.75 -14.55
CA THR A 499 -5.89 -3.24 -14.57
C THR A 499 -5.64 -4.30 -13.51
N ARG A 500 -6.20 -4.13 -12.31
CA ARG A 500 -5.95 -5.09 -11.24
C ARG A 500 -6.52 -6.46 -11.58
N THR A 501 -7.72 -6.48 -12.19
CA THR A 501 -8.36 -7.76 -12.52
C THR A 501 -7.49 -8.58 -13.47
N ILE A 502 -6.91 -7.92 -14.48
CA ILE A 502 -6.03 -8.64 -15.41
C ILE A 502 -4.72 -9.00 -14.74
N TYR A 503 -4.17 -8.10 -13.92
CA TYR A 503 -2.84 -8.33 -13.36
C TYR A 503 -2.83 -9.50 -12.40
N GLN A 504 -3.90 -9.67 -11.60
CA GLN A 504 -3.89 -10.76 -10.63
C GLN A 504 -3.80 -12.11 -11.31
N PHE A 505 -4.59 -12.33 -12.37
CA PHE A 505 -4.52 -13.59 -13.10
C PHE A 505 -3.22 -13.72 -13.89
N GLN A 506 -2.72 -12.59 -14.42
CA GLN A 506 -1.43 -12.62 -15.11
C GLN A 506 -0.33 -13.13 -14.19
N PHE A 507 -0.33 -12.69 -12.94
CA PHE A 507 0.65 -13.16 -11.97
C PHE A 507 0.38 -14.60 -11.55
N GLN A 508 -0.90 -14.94 -11.34
CA GLN A 508 -1.25 -16.26 -10.85
C GLN A 508 -0.85 -17.35 -11.83
N GLU A 509 -1.04 -17.13 -13.12
CA GLU A 509 -0.67 -18.15 -14.10
C GLU A 509 0.83 -18.44 -14.04
N ALA A 510 1.65 -17.39 -14.00
CA ALA A 510 3.09 -17.59 -13.96
C ALA A 510 3.52 -18.28 -12.67
N LEU A 511 2.97 -17.85 -11.54
CA LEU A 511 3.37 -18.45 -10.27
C LEU A 511 2.98 -19.92 -10.22
N CYS A 512 1.78 -20.27 -10.67
CA CYS A 512 1.36 -21.66 -10.68
C CYS A 512 2.18 -22.48 -11.67
N GLN A 513 2.57 -21.90 -12.81
CA GLN A 513 3.42 -22.61 -13.74
C GLN A 513 4.78 -22.91 -13.13
N ILE A 514 5.37 -21.95 -12.41
CA ILE A 514 6.64 -22.19 -11.74
C ILE A 514 6.49 -23.22 -10.64
N ALA A 515 5.34 -23.23 -9.95
CA ALA A 515 5.11 -24.23 -8.91
C ALA A 515 4.90 -25.62 -9.46
N LYS A 516 4.76 -25.78 -10.79
CA LYS A 516 4.60 -27.08 -11.44
C LYS A 516 3.38 -27.83 -10.92
N HIS A 517 2.22 -27.24 -11.16
CA HIS A 517 0.93 -27.83 -10.82
C HIS A 517 0.30 -28.45 -12.06
N GLU A 518 -0.16 -29.69 -11.94
CA GLU A 518 -0.80 -30.39 -13.03
C GLU A 518 -2.31 -30.41 -12.82
N GLY A 519 -3.06 -30.04 -13.85
CA GLY A 519 -4.50 -29.92 -13.74
C GLY A 519 -4.97 -28.54 -14.16
N PRO A 520 -6.28 -28.31 -14.10
CA PRO A 520 -6.82 -27.00 -14.45
C PRO A 520 -6.35 -25.92 -13.50
N LEU A 521 -6.33 -24.68 -14.00
CA LEU A 521 -5.72 -23.58 -13.26
C LEU A 521 -6.49 -23.27 -11.98
N HIS A 522 -7.82 -23.36 -12.01
CA HIS A 522 -8.62 -22.94 -10.87
C HIS A 522 -8.46 -23.84 -9.66
N LYS A 523 -7.82 -25.00 -9.80
CA LYS A 523 -7.54 -25.89 -8.68
C LYS A 523 -6.08 -25.84 -8.26
N CYS A 524 -5.42 -24.71 -8.47
CA CYS A 524 -3.99 -24.61 -8.20
C CYS A 524 -3.73 -24.45 -6.71
N ASP A 525 -2.44 -24.37 -6.37
CA ASP A 525 -1.98 -24.14 -5.01
C ASP A 525 -0.51 -23.80 -5.06
N ILE A 526 -0.10 -22.79 -4.29
CA ILE A 526 1.28 -22.31 -4.30
C ILE A 526 1.99 -22.58 -2.99
N SER A 527 1.38 -23.33 -2.08
CA SER A 527 2.02 -23.65 -0.83
C SER A 527 3.15 -24.67 -1.05
N ASN A 528 4.02 -24.78 -0.05
CA ASN A 528 5.12 -25.74 -0.06
C ASN A 528 6.06 -25.51 -1.25
N SER A 529 6.20 -24.26 -1.68
CA SER A 529 7.06 -23.91 -2.82
C SER A 529 7.87 -22.67 -2.45
N SER A 530 9.18 -22.86 -2.26
CA SER A 530 10.06 -21.75 -1.93
C SER A 530 10.57 -21.03 -3.16
N GLU A 531 10.15 -21.43 -4.35
CA GLU A 531 10.63 -20.79 -5.58
C GLU A 531 9.72 -19.65 -6.01
N ALA A 532 8.41 -19.87 -5.98
CA ALA A 532 7.47 -18.84 -6.44
C ALA A 532 7.55 -17.60 -5.56
N GLY A 533 7.57 -17.78 -4.23
CA GLY A 533 7.71 -16.64 -3.35
C GLY A 533 9.03 -15.93 -3.49
N GLN A 534 10.11 -16.69 -3.71
CA GLN A 534 11.41 -16.08 -3.94
C GLN A 534 11.40 -15.23 -5.20
N LYS A 535 10.74 -15.71 -6.26
CA LYS A 535 10.65 -14.92 -7.49
C LYS A 535 9.76 -13.70 -7.30
N LEU A 536 8.69 -13.83 -6.51
CA LEU A 536 7.80 -12.70 -6.30
C LEU A 536 8.48 -11.59 -5.50
N LEU A 537 9.21 -11.97 -4.44
CA LEU A 537 9.91 -10.96 -3.65
C LEU A 537 11.04 -10.31 -4.43
N GLU A 538 11.41 -10.87 -5.59
CA GLU A 538 12.35 -10.17 -6.48
C GLU A 538 11.76 -8.88 -7.01
N MET A 539 10.47 -8.86 -7.39
CA MET A 539 9.83 -7.62 -7.80
C MET A 539 9.28 -6.82 -6.63
N LEU A 540 8.84 -7.48 -5.56
CA LEU A 540 8.27 -6.72 -4.44
C LEU A 540 9.31 -5.82 -3.78
N LYS A 541 10.60 -6.21 -3.84
CA LYS A 541 11.63 -5.40 -3.22
C LYS A 541 11.99 -4.17 -4.05
N LEU A 542 11.65 -4.18 -5.34
CA LEU A 542 11.98 -3.04 -6.19
C LEU A 542 11.22 -1.79 -5.77
N GLY A 543 9.95 -1.93 -5.43
CA GLY A 543 9.14 -0.75 -5.15
C GLY A 543 8.90 0.04 -6.43
N LYS A 544 9.14 1.35 -6.37
CA LYS A 544 8.98 2.23 -7.52
C LYS A 544 10.33 2.63 -8.12
N SER A 545 11.41 1.94 -7.73
CA SER A 545 12.74 2.32 -8.20
C SER A 545 12.94 2.06 -9.69
N LYS A 546 12.10 1.24 -10.30
CA LYS A 546 12.15 0.96 -11.72
C LYS A 546 10.74 0.99 -12.27
N PRO A 547 10.58 1.30 -13.56
CA PRO A 547 9.24 1.39 -14.13
C PRO A 547 8.54 0.04 -14.12
N TRP A 548 7.21 0.09 -14.12
CA TRP A 548 6.40 -1.11 -13.96
C TRP A 548 6.54 -2.09 -15.12
N THR A 549 7.09 -1.66 -16.26
CA THR A 549 7.36 -2.61 -17.33
C THR A 549 8.42 -3.63 -16.91
N TYR A 550 9.49 -3.19 -16.27
CA TYR A 550 10.47 -4.13 -15.73
C TYR A 550 9.86 -5.01 -14.65
N ALA A 551 9.05 -4.41 -13.76
CA ALA A 551 8.44 -5.18 -12.69
C ALA A 551 7.55 -6.30 -13.24
N LEU A 552 6.79 -6.00 -14.29
CA LEU A 552 5.97 -7.02 -14.92
C LEU A 552 6.82 -8.06 -15.64
N GLU A 553 7.82 -7.61 -16.40
CA GLU A 553 8.62 -8.53 -17.19
C GLU A 553 9.46 -9.47 -16.33
N ILE A 554 9.78 -9.05 -15.10
CA ILE A 554 10.54 -9.92 -14.21
C ILE A 554 9.75 -11.18 -13.89
N VAL A 555 8.43 -11.07 -13.73
CA VAL A 555 7.63 -12.22 -13.32
C VAL A 555 7.05 -12.96 -14.53
N VAL A 556 6.23 -12.28 -15.32
CA VAL A 556 5.55 -12.97 -16.41
C VAL A 556 6.47 -13.16 -17.62
N GLY A 557 7.25 -12.14 -17.96
CA GLY A 557 8.12 -12.19 -19.12
C GLY A 557 7.67 -11.37 -20.30
N ALA A 558 6.63 -10.55 -20.16
CA ALA A 558 6.12 -9.70 -21.23
C ALA A 558 6.21 -8.23 -20.80
N LYS A 559 5.67 -7.35 -21.64
CA LYS A 559 5.69 -5.92 -21.39
C LYS A 559 4.32 -5.29 -21.35
N ASN A 560 3.27 -6.02 -21.74
CA ASN A 560 1.94 -5.44 -21.83
C ASN A 560 0.92 -6.42 -21.28
N MET A 561 -0.29 -5.92 -21.06
CA MET A 561 -1.36 -6.75 -20.53
C MET A 561 -1.84 -7.76 -21.56
N ASP A 562 -2.17 -8.95 -21.09
CA ASP A 562 -2.80 -9.98 -21.90
C ASP A 562 -3.98 -10.56 -21.14
N VAL A 563 -5.13 -10.66 -21.80
CA VAL A 563 -6.33 -11.17 -21.15
C VAL A 563 -6.51 -12.67 -21.37
N ARG A 564 -5.61 -13.30 -22.12
CA ARG A 564 -5.69 -14.75 -22.31
C ARG A 564 -5.67 -15.53 -20.99
N PRO A 565 -4.86 -15.19 -19.98
CA PRO A 565 -4.93 -15.95 -18.72
C PRO A 565 -6.30 -15.95 -18.08
N LEU A 566 -7.02 -14.83 -18.14
CA LEU A 566 -8.37 -14.78 -17.58
C LEU A 566 -9.31 -15.70 -18.35
N LEU A 567 -9.16 -15.78 -19.66
CA LEU A 567 -9.97 -16.71 -20.44
C LEU A 567 -9.62 -18.16 -20.12
N ASN A 568 -8.33 -18.43 -19.86
CA ASN A 568 -7.92 -19.78 -19.48
C ASN A 568 -8.42 -20.15 -18.09
N TYR A 569 -8.62 -19.18 -17.20
CA TYR A 569 -9.14 -19.48 -15.87
C TYR A 569 -10.57 -20.01 -15.95
N PHE A 570 -11.40 -19.43 -16.82
CA PHE A 570 -12.81 -19.76 -16.91
C PHE A 570 -13.12 -20.70 -18.06
N GLU A 571 -12.13 -21.47 -18.51
CA GLU A 571 -12.38 -22.42 -19.60
C GLU A 571 -13.43 -23.47 -19.26
N PRO A 572 -13.38 -24.15 -18.10
CA PRO A 572 -14.45 -25.13 -17.82
C PRO A 572 -15.83 -24.53 -17.79
N LEU A 573 -15.99 -23.36 -17.16
CA LEU A 573 -17.30 -22.72 -17.12
C LEU A 573 -17.77 -22.35 -18.51
N PHE A 574 -16.88 -21.81 -19.34
CA PHE A 574 -17.24 -21.43 -20.69
C PHE A 574 -17.69 -22.66 -21.50
N THR A 575 -16.91 -23.73 -21.44
CA THR A 575 -17.26 -24.93 -22.21
C THR A 575 -18.57 -25.53 -21.73
N TRP A 576 -18.76 -25.63 -20.42
CA TRP A 576 -19.99 -26.23 -19.89
C TRP A 576 -21.20 -25.38 -20.22
N LEU A 577 -21.06 -24.06 -20.14
CA LEU A 577 -22.18 -23.18 -20.45
C LEU A 577 -22.50 -23.21 -21.94
N LYS A 578 -21.49 -23.44 -22.78
CA LYS A 578 -21.70 -23.37 -24.23
C LYS A 578 -22.76 -24.35 -24.70
N GLU A 579 -22.95 -25.46 -24.00
CA GLU A 579 -23.97 -26.43 -24.39
C GLU A 579 -25.38 -25.89 -24.19
N GLN A 580 -25.59 -25.08 -23.15
CA GLN A 580 -26.92 -24.64 -22.79
C GLN A 580 -27.47 -23.56 -23.71
N ASN A 581 -26.65 -23.00 -24.61
CA ASN A 581 -27.12 -21.96 -25.49
C ASN A 581 -27.72 -22.48 -26.80
N ARG A 582 -27.69 -23.79 -27.03
CA ARG A 582 -28.15 -24.31 -28.32
C ARG A 582 -29.65 -24.04 -28.52
N ASN A 583 -30.45 -24.28 -27.49
CA ASN A 583 -31.89 -24.00 -27.56
C ASN A 583 -32.21 -22.64 -26.92
N SER A 584 -31.56 -21.61 -27.44
CA SER A 584 -31.73 -20.24 -26.95
C SER A 584 -31.16 -19.29 -27.98
N PHE A 585 -31.41 -17.99 -27.76
CA PHE A 585 -30.86 -16.94 -28.60
C PHE A 585 -29.93 -16.07 -27.76
N VAL A 586 -28.74 -15.80 -28.28
CA VAL A 586 -27.71 -15.05 -27.57
C VAL A 586 -27.57 -13.69 -28.22
N GLY A 587 -27.54 -12.65 -27.41
CA GLY A 587 -27.40 -11.28 -27.87
C GLY A 587 -28.56 -10.42 -27.41
N TRP A 588 -28.47 -9.14 -27.78
CA TRP A 588 -29.50 -8.18 -27.42
C TRP A 588 -29.75 -7.24 -28.60
N ASN A 589 -30.93 -6.64 -28.60
CA ASN A 589 -31.38 -5.78 -29.68
C ASN A 589 -31.60 -4.36 -29.15
N THR A 590 -31.06 -3.38 -29.86
CA THR A 590 -31.28 -1.97 -29.54
C THR A 590 -32.50 -1.44 -30.30
N ASP A 591 -33.63 -2.11 -30.15
CA ASP A 591 -34.83 -1.77 -30.91
C ASP A 591 -36.04 -1.62 -30.01
N TRP A 592 -35.96 -2.15 -28.79
CA TRP A 592 -37.09 -2.16 -27.87
C TRP A 592 -37.04 -0.95 -26.95
N SER A 593 -38.23 -0.43 -26.63
CA SER A 593 -38.38 0.71 -25.74
C SER A 593 -39.41 0.39 -24.66
N PRO A 594 -39.26 0.96 -23.46
CA PRO A 594 -40.23 0.69 -22.40
C PRO A 594 -41.65 1.15 -22.73
N TYR A 595 -41.81 2.22 -23.51
CA TYR A 595 -43.13 2.78 -23.76
C TYR A 595 -43.83 2.14 -24.96
N ALA A 596 -43.07 1.67 -25.95
CA ALA A 596 -43.64 1.08 -27.16
C ALA A 596 -43.16 -0.35 -27.31
N ASP A 597 -44.09 -1.26 -27.59
CA ASP A 597 -43.76 -2.68 -27.76
C ASP A 597 -42.88 -2.89 -28.98
N LEU B 17 42.48 -1.63 41.29
CA LEU B 17 41.10 -2.08 41.27
C LEU B 17 40.16 -0.97 40.77
N CYS B 18 40.27 -0.64 39.48
CA CYS B 18 39.44 0.42 38.92
C CYS B 18 38.04 -0.08 38.66
N PRO B 19 37.02 0.76 38.90
CA PRO B 19 35.61 0.36 38.70
C PRO B 19 35.15 0.41 37.24
N PHE B 20 35.38 -0.69 36.52
CA PHE B 20 34.85 -0.81 35.16
C PHE B 20 33.33 -0.75 35.12
N GLY B 21 32.67 -1.07 36.23
CA GLY B 21 31.21 -1.18 36.20
C GLY B 21 30.53 0.14 35.89
N GLU B 22 30.96 1.22 36.55
CA GLU B 22 30.28 2.50 36.42
C GLU B 22 30.36 3.05 35.02
N VAL B 23 31.37 2.64 34.25
CA VAL B 23 31.49 3.09 32.86
C VAL B 23 30.34 2.55 32.02
N PHE B 24 29.89 1.32 32.31
CA PHE B 24 28.87 0.66 31.51
C PHE B 24 27.46 1.05 31.93
N ASN B 25 27.23 1.02 33.24
CA ASN B 25 25.87 1.22 33.81
C ASN B 25 25.73 2.67 34.28
N ALA B 26 26.29 3.63 33.53
CA ALA B 26 26.19 5.03 33.89
C ALA B 26 24.78 5.56 33.62
N THR B 27 24.46 6.68 34.25
CA THR B 27 23.09 7.21 34.21
C THR B 27 22.74 7.73 32.82
N ARG B 28 23.60 8.64 32.30
CA ARG B 28 23.33 9.26 30.98
C ARG B 28 24.46 9.05 29.97
N PHE B 29 24.10 8.79 28.73
CA PHE B 29 25.06 8.64 27.64
C PHE B 29 24.95 9.83 26.71
N ALA B 30 26.06 10.10 26.00
CA ALA B 30 26.19 11.31 25.20
C ALA B 30 25.84 11.03 23.75
N SER B 31 25.69 12.13 23.00
CA SER B 31 25.43 12.04 21.57
C SER B 31 26.64 11.43 20.84
N VAL B 32 26.40 11.04 19.58
CA VAL B 32 27.46 10.42 18.80
C VAL B 32 28.54 11.43 18.43
N TYR B 33 28.17 12.67 18.13
CA TYR B 33 29.17 13.64 17.71
C TYR B 33 30.05 14.09 18.87
N ALA B 34 29.47 14.22 20.06
CA ALA B 34 30.24 14.55 21.26
C ALA B 34 30.65 13.29 22.02
N TRP B 35 31.33 12.37 21.33
CA TRP B 35 31.67 11.09 21.93
C TRP B 35 32.61 11.28 23.10
N ASN B 36 32.19 10.79 24.26
CA ASN B 36 32.96 10.97 25.49
C ASN B 36 34.17 10.06 25.51
N ARG B 37 35.24 10.54 26.14
CA ARG B 37 36.46 9.79 26.32
C ARG B 37 36.74 9.61 27.81
N LYS B 38 36.98 8.36 28.21
CA LYS B 38 37.34 8.04 29.59
C LYS B 38 38.70 7.39 29.58
N ARG B 39 39.59 7.85 30.46
CA ARG B 39 40.95 7.35 30.55
C ARG B 39 41.12 6.57 31.85
N ILE B 40 41.60 5.33 31.75
CA ILE B 40 41.76 4.46 32.90
C ILE B 40 43.21 3.99 32.96
N SER B 41 43.83 4.15 34.12
CA SER B 41 45.23 3.81 34.32
C SER B 41 45.45 3.46 35.79
N ASN B 42 46.53 2.72 36.05
CA ASN B 42 46.96 2.38 37.41
C ASN B 42 45.85 1.64 38.17
N CYS B 43 45.48 0.48 37.64
CA CYS B 43 44.43 -0.34 38.23
C CYS B 43 44.60 -1.76 37.74
N VAL B 44 43.58 -2.59 37.93
CA VAL B 44 43.57 -3.97 37.45
C VAL B 44 42.38 -4.17 36.54
N ALA B 45 42.44 -5.22 35.73
CA ALA B 45 41.41 -5.52 34.74
C ALA B 45 40.62 -6.74 35.17
N ASP B 46 39.28 -6.63 35.13
CA ASP B 46 38.38 -7.72 35.47
C ASP B 46 37.42 -7.91 34.30
N TYR B 47 37.70 -8.88 33.44
CA TYR B 47 36.91 -9.13 32.26
C TYR B 47 35.84 -10.21 32.46
N SER B 48 35.82 -10.86 33.63
CA SER B 48 34.80 -11.88 33.88
C SER B 48 33.42 -11.26 34.06
N VAL B 49 33.33 -10.15 34.80
CA VAL B 49 32.06 -9.48 35.01
C VAL B 49 31.47 -8.91 33.74
N LEU B 50 32.30 -8.55 32.77
CA LEU B 50 31.81 -8.11 31.46
C LEU B 50 31.34 -9.28 30.61
N TYR B 51 32.03 -10.42 30.70
CA TYR B 51 31.62 -11.59 29.95
C TYR B 51 30.33 -12.18 30.48
N ASN B 52 30.11 -12.13 31.79
CA ASN B 52 28.94 -12.74 32.42
C ASN B 52 27.75 -11.78 32.50
N SER B 53 27.70 -10.77 31.61
CA SER B 53 26.55 -9.87 31.60
C SER B 53 25.32 -10.51 30.96
N ALA B 54 25.53 -11.37 29.97
CA ALA B 54 24.46 -12.10 29.28
C ALA B 54 23.45 -11.16 28.62
N SER B 55 23.82 -9.90 28.39
CA SER B 55 22.92 -8.92 27.79
C SER B 55 23.66 -8.10 26.74
N PHE B 56 24.54 -8.74 25.96
CA PHE B 56 25.28 -8.09 24.90
C PHE B 56 24.84 -8.65 23.57
N SER B 57 24.29 -7.80 22.71
CA SER B 57 23.92 -8.22 21.36
C SER B 57 25.16 -8.43 20.50
N THR B 58 26.11 -7.50 20.55
CA THR B 58 27.36 -7.59 19.82
C THR B 58 28.52 -7.57 20.82
N PHE B 59 29.45 -8.51 20.68
CA PHE B 59 30.60 -8.61 21.57
C PHE B 59 31.88 -8.81 20.79
N LYS B 60 31.93 -8.27 19.57
CA LYS B 60 33.07 -8.49 18.68
C LYS B 60 34.33 -7.85 19.26
N CYS B 61 35.29 -8.67 19.65
CA CYS B 61 36.59 -8.21 20.10
C CYS B 61 37.62 -8.50 19.01
N TYR B 62 38.32 -7.47 18.58
CA TYR B 62 39.24 -7.55 17.44
C TYR B 62 40.66 -7.63 17.96
N GLY B 63 41.26 -8.82 17.85
CA GLY B 63 42.61 -9.02 18.42
C GLY B 63 42.49 -9.29 19.90
N VAL B 64 41.30 -9.72 20.34
CA VAL B 64 41.06 -9.90 21.80
C VAL B 64 40.38 -11.25 22.07
N SER B 65 41.06 -12.14 22.78
CA SER B 65 40.47 -13.44 23.16
C SER B 65 40.92 -13.79 24.57
N PRO B 66 40.02 -14.29 25.44
CA PRO B 66 40.38 -14.55 26.85
C PRO B 66 41.49 -15.58 27.03
N THR B 67 41.91 -16.26 25.97
CA THR B 67 42.92 -17.30 26.13
C THR B 67 44.27 -16.72 26.56
N LYS B 68 44.69 -15.62 25.95
CA LYS B 68 46.03 -15.08 26.15
C LYS B 68 46.03 -13.73 26.85
N LEU B 69 44.99 -13.42 27.63
CA LEU B 69 44.96 -12.16 28.36
C LEU B 69 45.82 -12.16 29.61
N ASN B 70 46.27 -13.33 30.07
CA ASN B 70 46.99 -13.44 31.35
C ASN B 70 48.50 -13.35 31.20
N ASP B 71 49.02 -13.17 29.99
CA ASP B 71 50.47 -13.10 29.77
C ASP B 71 50.95 -11.73 29.33
N LEU B 72 50.10 -10.94 28.68
CA LEU B 72 50.45 -9.60 28.24
C LEU B 72 49.39 -8.61 28.70
N CYS B 73 49.82 -7.51 29.29
CA CYS B 73 48.92 -6.45 29.70
C CYS B 73 49.48 -5.11 29.25
N PHE B 74 48.60 -4.10 29.25
CA PHE B 74 48.89 -2.79 28.67
C PHE B 74 49.08 -1.76 29.79
N THR B 75 49.22 -0.50 29.38
CA THR B 75 49.48 0.60 30.31
C THR B 75 48.22 1.40 30.62
N ASN B 76 47.61 1.98 29.60
CA ASN B 76 46.40 2.79 29.75
C ASN B 76 45.32 2.30 28.80
N VAL B 77 44.06 2.48 29.19
CA VAL B 77 42.93 2.07 28.37
C VAL B 77 41.96 3.23 28.23
N TYR B 78 41.51 3.46 27.00
CA TYR B 78 40.53 4.49 26.69
C TYR B 78 39.17 3.87 26.39
N ALA B 79 38.12 4.51 26.87
CA ALA B 79 36.75 4.04 26.70
C ALA B 79 35.91 5.13 26.04
N ASP B 80 35.07 4.73 25.10
CA ASP B 80 34.16 5.65 24.43
C ASP B 80 32.74 5.08 24.52
N SER B 81 31.81 5.90 25.00
CA SER B 81 30.43 5.45 25.19
C SER B 81 29.49 6.41 24.49
N PHE B 82 28.55 5.85 23.72
CA PHE B 82 27.57 6.68 23.02
C PHE B 82 26.34 5.84 22.72
N VAL B 83 25.37 6.48 22.06
CA VAL B 83 24.09 5.87 21.70
C VAL B 83 23.89 6.01 20.20
N ILE B 84 23.56 4.91 19.53
CA ILE B 84 23.34 4.89 18.09
C ILE B 84 22.07 4.09 17.80
N ARG B 85 21.77 3.94 16.52
CA ARG B 85 20.61 3.18 16.07
C ARG B 85 20.90 1.69 16.12
N GLY B 86 20.02 0.89 15.52
CA GLY B 86 20.21 -0.55 15.50
C GLY B 86 20.89 -1.06 14.25
N ASP B 87 20.64 -0.40 13.12
CA ASP B 87 21.24 -0.79 11.85
C ASP B 87 22.59 -0.14 11.60
N GLU B 88 23.01 0.81 12.44
CA GLU B 88 24.32 1.43 12.33
C GLU B 88 25.37 0.72 13.17
N VAL B 89 25.01 -0.36 13.87
CA VAL B 89 25.98 -1.07 14.70
C VAL B 89 27.07 -1.70 13.85
N ARG B 90 26.71 -2.17 12.66
CA ARG B 90 27.69 -2.83 11.79
C ARG B 90 28.72 -1.87 11.22
N GLN B 91 28.53 -0.56 11.36
CA GLN B 91 29.48 0.41 10.83
C GLN B 91 30.62 0.72 11.79
N ILE B 92 30.55 0.24 13.03
CA ILE B 92 31.66 0.42 13.98
C ILE B 92 32.57 -0.78 13.80
N ALA B 93 33.46 -0.66 12.82
CA ALA B 93 34.41 -1.72 12.46
C ALA B 93 35.47 -1.14 11.53
N PRO B 94 36.66 -1.73 11.47
CA PRO B 94 37.71 -1.19 10.60
C PRO B 94 37.29 -1.22 9.13
N GLY B 95 37.49 -0.08 8.45
CA GLY B 95 37.25 0.01 7.03
C GLY B 95 35.83 0.23 6.61
N GLN B 96 34.88 0.28 7.54
CA GLN B 96 33.49 0.45 7.18
C GLN B 96 33.21 1.86 6.66
N THR B 97 32.27 1.95 5.73
CA THR B 97 31.85 3.22 5.15
C THR B 97 30.36 3.41 5.37
N GLY B 98 29.93 4.65 5.28
CA GLY B 98 28.54 5.00 5.51
C GLY B 98 28.42 6.47 5.90
N LYS B 99 27.56 6.76 6.88
CA LYS B 99 27.47 8.16 7.34
C LYS B 99 28.17 8.28 8.70
N ILE B 100 27.96 7.30 9.58
CA ILE B 100 28.55 7.45 10.90
C ILE B 100 30.03 7.11 10.92
N ALA B 101 30.52 6.37 9.93
CA ALA B 101 31.89 5.88 9.92
C ALA B 101 32.89 6.88 9.32
N ASP B 102 32.42 7.98 8.73
CA ASP B 102 33.31 8.98 8.17
C ASP B 102 32.99 10.40 8.59
N TYR B 103 31.83 10.65 9.20
CA TYR B 103 31.51 11.98 9.71
C TYR B 103 31.42 12.06 11.22
N ASN B 104 31.30 10.94 11.93
CA ASN B 104 31.12 10.96 13.37
C ASN B 104 32.26 10.27 14.11
N TYR B 105 32.59 9.03 13.77
CA TYR B 105 33.54 8.25 14.56
C TYR B 105 34.13 7.16 13.67
N LYS B 106 35.45 7.20 13.46
CA LYS B 106 36.14 6.24 12.63
C LYS B 106 37.14 5.44 13.45
N LEU B 107 37.17 4.13 13.22
CA LEU B 107 38.14 3.24 13.84
C LEU B 107 39.35 3.07 12.92
N PRO B 108 40.56 3.26 13.43
CA PRO B 108 41.75 3.10 12.58
C PRO B 108 41.90 1.67 12.11
N ASP B 109 42.57 1.52 10.97
CA ASP B 109 42.77 0.19 10.38
C ASP B 109 43.57 -0.71 11.32
N ASP B 110 44.54 -0.15 12.03
CA ASP B 110 45.33 -0.91 12.99
C ASP B 110 44.75 -0.73 14.40
N PHE B 111 43.52 -1.20 14.56
CA PHE B 111 42.77 -1.07 15.80
C PHE B 111 42.85 -2.38 16.59
N THR B 112 43.19 -2.26 17.87
CA THR B 112 43.21 -3.40 18.79
C THR B 112 42.33 -3.04 19.98
N GLY B 113 41.15 -3.64 20.06
CA GLY B 113 40.23 -3.31 21.13
C GLY B 113 38.94 -4.08 20.99
N CYS B 114 37.96 -3.71 21.81
CA CYS B 114 36.67 -4.37 21.84
C CYS B 114 35.54 -3.36 21.66
N VAL B 115 34.46 -3.82 21.04
CA VAL B 115 33.24 -3.03 20.88
C VAL B 115 32.10 -3.84 21.47
N ILE B 116 31.32 -3.23 22.36
CA ILE B 116 30.20 -3.89 23.02
C ILE B 116 28.97 -3.02 22.84
N ALA B 117 27.85 -3.64 22.48
CA ALA B 117 26.60 -2.90 22.30
C ALA B 117 25.46 -3.68 22.95
N TRP B 118 24.46 -2.93 23.42
CA TRP B 118 23.30 -3.56 24.02
C TRP B 118 22.06 -2.71 23.79
N ASN B 119 20.91 -3.38 23.84
CA ASN B 119 19.64 -2.70 23.63
C ASN B 119 19.22 -1.95 24.89
N SER B 120 18.80 -0.70 24.70
CA SER B 120 18.38 0.16 25.81
C SER B 120 17.13 0.94 25.44
N ASN B 121 16.15 0.26 24.85
CA ASN B 121 14.93 0.93 24.44
C ASN B 121 14.09 1.37 25.63
N ASN B 122 14.14 0.61 26.73
CA ASN B 122 13.28 0.86 27.87
C ASN B 122 13.60 2.15 28.61
N LEU B 123 14.74 2.79 28.32
CA LEU B 123 15.16 3.96 29.07
C LEU B 123 15.17 5.25 28.27
N ASP B 124 15.25 5.18 26.94
CA ASP B 124 15.44 6.38 26.14
C ASP B 124 14.33 6.59 25.13
N SER B 125 13.08 6.46 25.54
CA SER B 125 11.95 6.64 24.64
C SER B 125 10.85 7.43 25.32
N LYS B 126 10.06 8.12 24.50
CA LYS B 126 8.91 8.92 25.01
C LYS B 126 7.81 8.93 23.95
N VAL B 127 6.54 8.76 24.34
CA VAL B 127 5.42 8.69 23.41
C VAL B 127 5.35 9.95 22.58
N GLY B 128 5.64 11.11 23.18
CA GLY B 128 5.61 12.36 22.45
C GLY B 128 6.80 12.63 21.57
N GLY B 129 7.88 11.86 21.73
CA GLY B 129 9.05 12.01 20.89
C GLY B 129 10.25 12.56 21.62
N ASN B 130 11.20 11.69 21.97
CA ASN B 130 12.45 12.14 22.57
C ASN B 130 13.27 12.89 21.55
N TYR B 131 13.73 14.10 21.88
CA TYR B 131 14.55 14.90 20.94
C TYR B 131 15.79 15.41 21.63
N ASN B 132 16.55 14.53 22.29
CA ASN B 132 17.79 14.90 22.96
C ASN B 132 18.99 14.10 22.47
N TYR B 133 18.89 13.51 21.29
CA TYR B 133 20.01 12.80 20.67
C TYR B 133 20.19 13.32 19.24
N LEU B 134 21.44 13.63 18.89
CA LEU B 134 21.74 14.31 17.63
C LEU B 134 22.80 13.53 16.86
N TYR B 135 22.79 13.72 15.55
CA TYR B 135 23.85 13.17 14.70
C TYR B 135 24.09 14.12 13.52
N ARG B 136 25.30 14.06 12.99
CA ARG B 136 25.76 14.96 11.95
C ARG B 136 25.76 14.25 10.61
N LEU B 137 25.22 14.90 9.58
CA LEU B 137 25.05 14.28 8.27
C LEU B 137 25.72 15.02 7.13
N PHE B 138 26.37 16.15 7.38
CA PHE B 138 27.06 16.90 6.34
C PHE B 138 28.41 17.38 6.86
N ARG B 139 29.38 17.45 5.95
CA ARG B 139 30.72 17.93 6.28
C ARG B 139 31.46 18.22 4.98
N LYS B 140 32.66 18.79 5.12
CA LYS B 140 33.47 19.12 3.96
C LYS B 140 34.38 17.98 3.56
N SER B 141 34.83 17.17 4.52
CA SER B 141 35.74 16.07 4.23
C SER B 141 35.59 15.00 5.31
N ASN B 142 36.13 13.82 5.02
CA ASN B 142 36.08 12.73 5.98
C ASN B 142 36.90 13.06 7.21
N LEU B 143 36.46 12.54 8.35
CA LEU B 143 37.18 12.74 9.60
C LEU B 143 38.40 11.84 9.69
N LYS B 144 39.50 12.39 10.19
CA LYS B 144 40.69 11.60 10.44
C LYS B 144 40.41 10.59 11.55
N PRO B 145 41.19 9.50 11.61
CA PRO B 145 40.98 8.51 12.67
C PRO B 145 41.09 9.15 14.05
N PHE B 146 40.07 8.91 14.88
CA PHE B 146 39.99 9.45 16.24
C PHE B 146 40.04 10.98 16.23
N GLU B 147 39.28 11.58 15.30
CA GLU B 147 39.14 13.02 15.23
C GLU B 147 37.70 13.41 15.56
N ARG B 148 37.55 14.57 16.20
CA ARG B 148 36.26 15.07 16.62
C ARG B 148 36.05 16.49 16.12
N ASP B 149 34.79 16.85 15.90
CA ASP B 149 34.45 18.21 15.48
C ASP B 149 33.02 18.50 15.92
N ILE B 150 32.84 19.53 16.73
CA ILE B 150 31.53 19.93 17.23
C ILE B 150 31.18 21.31 16.68
N SER B 151 31.68 21.61 15.49
CA SER B 151 31.45 22.92 14.91
C SER B 151 29.97 23.15 14.62
N THR B 152 29.49 24.34 14.97
CA THR B 152 28.10 24.73 14.75
C THR B 152 27.94 25.62 13.54
N GLU B 153 29.01 25.82 12.76
CA GLU B 153 28.90 26.63 11.56
C GLU B 153 27.95 25.99 10.57
N ILE B 154 27.15 26.81 9.90
CA ILE B 154 26.15 26.30 8.98
C ILE B 154 26.85 25.71 7.76
N TYR B 155 26.53 24.46 7.45
CA TYR B 155 27.16 23.78 6.32
C TYR B 155 26.79 24.48 5.02
N GLN B 156 27.75 24.54 4.10
CA GLN B 156 27.58 25.21 2.83
C GLN B 156 27.56 24.18 1.71
N ALA B 157 26.53 24.24 0.88
CA ALA B 157 26.37 23.30 -0.23
C ALA B 157 26.85 23.89 -1.55
N GLY B 158 26.30 25.03 -1.95
CA GLY B 158 26.65 25.64 -3.22
C GLY B 158 27.98 26.35 -3.19
N SER B 159 28.38 26.84 -4.37
CA SER B 159 29.62 27.58 -4.47
C SER B 159 29.54 28.93 -3.76
N THR B 160 28.38 29.60 -3.84
CA THR B 160 28.21 30.90 -3.19
C THR B 160 27.85 30.70 -1.73
N PRO B 161 28.62 31.24 -0.80
CA PRO B 161 28.29 31.09 0.63
C PRO B 161 27.15 31.99 1.04
N CYS B 162 26.54 31.65 2.17
CA CYS B 162 25.47 32.44 2.79
C CYS B 162 25.96 33.09 4.07
N ASN B 163 25.45 34.29 4.33
CA ASN B 163 26.03 35.18 5.34
C ASN B 163 25.71 34.68 6.75
N GLY B 164 26.34 33.56 7.10
CA GLY B 164 26.26 33.02 8.45
C GLY B 164 24.91 32.50 8.89
N VAL B 165 23.84 32.79 8.16
CA VAL B 165 22.51 32.33 8.50
C VAL B 165 21.94 31.58 7.30
N GLU B 166 21.25 30.47 7.54
CA GLU B 166 20.81 29.58 6.43
C GLU B 166 19.55 30.03 5.69
N GLY B 167 18.77 29.07 5.18
CA GLY B 167 17.61 29.39 4.33
C GLY B 167 17.70 28.68 2.98
N PHE B 168 17.86 29.39 1.83
CA PHE B 168 17.99 28.61 0.57
C PHE B 168 19.39 28.03 0.45
N ASN B 169 19.48 26.97 -0.32
CA ASN B 169 20.71 26.17 -0.56
C ASN B 169 21.74 26.19 0.60
N CYS B 170 21.31 26.40 1.87
CA CYS B 170 22.20 26.32 3.06
C CYS B 170 21.53 25.41 4.10
N TYR B 171 22.25 24.54 4.83
CA TYR B 171 21.61 23.56 5.68
C TYR B 171 22.35 23.43 7.00
N PHE B 172 21.60 23.44 8.10
CA PHE B 172 22.17 23.18 9.42
C PHE B 172 22.69 21.74 9.48
N PRO B 173 23.85 21.50 10.10
CA PRO B 173 24.53 20.20 9.96
C PRO B 173 24.16 19.15 11.00
N LEU B 174 23.13 19.35 11.82
CA LEU B 174 22.76 18.38 12.84
C LEU B 174 21.29 18.04 12.74
N GLN B 175 20.96 16.77 12.99
CA GLN B 175 19.56 16.33 12.98
C GLN B 175 19.34 15.36 14.13
N SER B 176 18.11 15.36 14.64
CA SER B 176 17.79 14.66 15.88
C SER B 176 16.90 13.45 15.63
N TYR B 177 17.21 12.35 16.33
CA TYR B 177 16.37 11.17 16.31
C TYR B 177 15.14 11.39 17.17
N GLY B 178 13.96 11.12 16.62
CA GLY B 178 12.73 11.18 17.38
C GLY B 178 12.34 9.83 17.96
N PHE B 179 13.09 9.35 18.95
CA PHE B 179 12.86 8.02 19.51
C PHE B 179 11.47 7.91 20.10
N GLN B 180 10.79 6.80 19.80
CA GLN B 180 9.49 6.46 20.35
C GLN B 180 9.47 4.97 20.65
N PRO B 181 8.66 4.53 21.62
CA PRO B 181 8.70 3.12 22.03
C PRO B 181 8.33 2.13 20.92
N THR B 182 7.43 2.51 20.01
CA THR B 182 6.85 1.55 19.07
C THR B 182 7.50 1.59 17.68
N TYR B 183 8.81 1.83 17.61
CA TYR B 183 9.51 1.71 16.33
C TYR B 183 9.85 0.24 16.06
N GLY B 184 10.66 0.00 15.04
CA GLY B 184 11.05 -1.34 14.68
C GLY B 184 12.15 -1.88 15.56
N VAL B 185 13.03 -2.70 14.99
CA VAL B 185 14.16 -3.26 15.71
C VAL B 185 15.46 -2.58 15.30
N GLY B 186 15.62 -2.26 14.02
CA GLY B 186 16.77 -1.53 13.56
C GLY B 186 16.75 -0.05 13.84
N TYR B 187 15.64 0.47 14.34
CA TYR B 187 15.52 1.87 14.72
C TYR B 187 15.47 2.07 16.23
N GLN B 188 15.47 1.00 17.01
CA GLN B 188 15.47 1.14 18.46
C GLN B 188 16.83 1.60 18.95
N PRO B 189 16.88 2.36 20.05
CA PRO B 189 18.16 2.85 20.54
C PRO B 189 19.06 1.73 21.03
N TYR B 190 20.36 1.92 20.84
CA TYR B 190 21.37 0.99 21.30
C TYR B 190 22.52 1.76 21.92
N ARG B 191 23.12 1.18 22.96
CA ARG B 191 24.23 1.80 23.67
C ARG B 191 25.51 1.04 23.36
N VAL B 192 26.56 1.77 22.98
CA VAL B 192 27.80 1.19 22.49
C VAL B 192 28.96 1.74 23.31
N VAL B 193 29.83 0.85 23.77
CA VAL B 193 31.06 1.20 24.48
C VAL B 193 32.23 0.50 23.79
N VAL B 194 33.27 1.27 23.49
CA VAL B 194 34.46 0.78 22.80
C VAL B 194 35.66 0.96 23.72
N LEU B 195 36.43 -0.10 23.90
CA LEU B 195 37.62 -0.10 24.75
C LEU B 195 38.85 -0.31 23.88
N SER B 196 39.86 0.54 24.09
CA SER B 196 41.11 0.49 23.33
C SER B 196 42.29 0.63 24.28
N PHE B 197 43.45 0.18 23.82
CA PHE B 197 44.65 0.10 24.65
C PHE B 197 45.72 1.07 24.16
N GLU B 198 46.68 1.37 25.03
CA GLU B 198 47.82 2.21 24.66
C GLU B 198 49.10 1.55 25.13
N LEU B 199 50.20 1.84 24.44
CA LEU B 199 51.49 1.18 24.64
C LEU B 199 52.62 2.19 24.72
N LEU B 200 52.44 3.23 25.54
CA LEU B 200 53.48 4.23 25.73
C LEU B 200 54.46 3.77 26.81
N HIS B 201 55.32 4.67 27.28
CA HIS B 201 56.39 4.34 28.20
C HIS B 201 55.93 4.28 29.66
N ALA B 202 54.64 4.47 29.93
CA ALA B 202 54.13 4.37 31.29
C ALA B 202 54.24 2.93 31.79
N PRO B 203 54.34 2.72 33.10
CA PRO B 203 54.47 1.36 33.61
C PRO B 203 53.22 0.54 33.33
N ALA B 204 53.43 -0.70 32.88
CA ALA B 204 52.32 -1.62 32.63
C ALA B 204 51.69 -2.00 33.96
N THR B 205 50.45 -1.58 34.18
CA THR B 205 49.80 -1.75 35.47
C THR B 205 48.49 -2.54 35.41
N VAL B 206 47.78 -2.53 34.29
CA VAL B 206 46.41 -3.05 34.24
C VAL B 206 46.46 -4.51 33.78
N CYS B 207 46.63 -5.40 34.77
CA CYS B 207 46.49 -6.84 34.58
C CYS B 207 46.47 -7.51 35.95
N GLY B 208 45.55 -8.46 36.13
CA GLY B 208 45.34 -9.09 37.42
C GLY B 208 45.40 -10.61 37.36
N PRO B 209 45.52 -11.24 38.53
CA PRO B 209 45.66 -12.69 38.60
C PRO B 209 44.31 -13.38 38.71
N LYS B 210 44.37 -14.71 38.79
CA LYS B 210 43.19 -15.56 38.98
C LYS B 210 42.09 -15.27 37.98
C1 NAG C . 8.43 4.00 -27.26
C2 NAG C . 7.24 4.77 -27.82
C3 NAG C . 7.03 4.44 -29.30
C4 NAG C . 8.32 4.66 -30.07
C5 NAG C . 9.46 3.87 -29.43
C6 NAG C . 10.79 4.10 -30.09
C7 NAG C . 5.44 3.34 -26.92
C8 NAG C . 4.20 3.30 -26.08
N2 NAG C . 6.03 4.53 -27.06
O3 NAG C . 5.99 5.26 -29.82
O4 NAG C . 8.18 4.23 -31.43
O5 NAG C . 9.59 4.25 -28.05
O6 NAG C . 10.79 3.63 -31.43
O7 NAG C . 5.89 2.32 -27.45
C1 NAG C . 7.76 5.31 -32.29
C2 NAG C . 8.95 5.81 -33.15
C3 NAG C . 8.49 6.87 -34.14
C4 NAG C . 7.30 6.36 -34.95
C5 NAG C . 6.20 5.89 -34.02
C6 NAG C . 5.03 5.28 -34.76
C7 NAG C . 9.94 7.35 -31.48
C8 NAG C . 11.18 7.71 -30.72
N2 NAG C . 10.04 6.32 -32.32
O3 NAG C . 9.57 7.19 -35.01
O4 NAG C . 6.80 7.40 -35.79
O5 NAG C . 6.71 4.86 -33.15
O6 NAG C . 5.47 4.42 -35.81
O7 NAG C . 8.89 7.98 -31.33
C1 NAG D . 9.54 -15.92 12.66
C2 NAG D . 10.44 -17.15 12.51
C3 NAG D . 9.83 -18.30 13.29
C4 NAG D . 9.64 -17.89 14.74
C5 NAG D . 8.77 -16.64 14.80
C6 NAG D . 8.60 -16.11 16.21
C7 NAG D . 10.43 -18.53 10.42
C8 NAG D . 11.62 -19.10 9.71
N2 NAG D . 10.64 -17.40 11.10
O3 NAG D . 10.66 -19.46 13.20
O4 NAG D . 8.99 -18.93 15.47
O5 NAG D . 9.37 -15.58 14.03
O6 NAG D . 7.76 -14.96 16.22
O7 NAG D . 9.33 -19.07 10.37
C1 NAG D . 9.76 -19.71 16.32
C2 NAG D . 8.82 -20.53 17.20
C3 NAG D . 9.64 -21.40 18.15
C4 NAG D . 10.61 -22.26 17.35
C5 NAG D . 11.48 -21.36 16.47
C6 NAG D . 12.40 -22.15 15.57
C7 NAG D . 8.12 -18.81 18.88
C8 NAG D . 6.94 -18.35 19.65
N2 NAG D . 7.86 -19.69 17.90
O3 NAG D . 8.77 -22.20 18.93
O4 NAG D . 11.44 -22.97 18.26
O5 NAG D . 10.67 -20.54 15.62
O6 NAG D . 13.24 -23.02 16.32
O7 NAG D . 9.26 -18.41 19.12
C1 NAG E . -17.24 -31.13 18.67
C2 NAG E . -18.44 -30.88 19.58
C3 NAG E . -18.71 -32.10 20.45
C4 NAG E . -18.87 -33.35 19.60
C5 NAG E . -17.66 -33.51 18.69
C6 NAG E . -17.83 -34.63 17.69
C7 NAG E . -17.23 -29.50 21.27
C8 NAG E . -16.97 -28.08 21.67
N2 NAG E . -18.18 -29.69 20.36
O3 NAG E . -19.88 -31.82 21.20
O4 NAG E . -18.89 -34.50 20.45
O5 NAG E . -17.43 -32.32 17.92
O6 NAG E . -18.15 -35.85 18.33
O7 NAG E . -16.57 -30.42 21.74
C1 NAG E . -20.04 -35.01 21.04
C2 NAG E . -19.56 -36.06 22.05
C3 NAG E . -20.75 -36.66 22.77
C4 NAG E . -21.58 -35.57 23.42
C5 NAG E . -21.98 -34.54 22.37
C6 NAG E . -22.68 -33.34 22.97
C7 NAG E . -19.09 -38.01 20.58
C8 NAG E . -18.11 -39.13 20.36
N2 NAG E . -18.72 -37.06 21.43
O3 NAG E . -20.30 -37.60 23.74
O4 NAG E . -22.76 -36.15 23.97
O5 NAG E . -20.82 -34.02 21.70
O6 NAG E . -22.87 -32.32 21.99
O7 NAG E . -20.17 -37.98 19.97
C1 NAG F . 25.79 -2.04 36.40
C2 NAG F . 26.42 -3.38 36.77
C3 NAG F . 25.36 -4.47 36.83
C4 NAG F . 24.23 -4.06 37.77
C5 NAG F . 23.67 -2.69 37.36
C6 NAG F . 22.65 -2.15 38.33
C7 NAG F . 28.37 -4.61 35.81
C8 NAG F . 29.23 -4.73 34.60
N2 NAG F . 27.43 -3.65 35.76
O3 NAG F . 25.96 -5.68 37.25
O4 NAG F . 23.16 -4.99 37.78
O5 NAG F . 24.73 -1.72 37.29
O6 NAG F . 21.46 -2.94 38.30
O7 NAG F . 28.50 -5.34 36.79
C1 NAG F . 23.27 -6.02 38.69
C2 NAG F . 21.94 -6.33 39.38
C3 NAG F . 22.17 -7.40 40.44
C4 NAG F . 22.81 -8.62 39.82
C5 NAG F . 24.11 -8.23 39.12
C6 NAG F . 24.76 -9.36 38.37
C7 NAG F . 21.77 -4.48 41.02
C8 NAG F . 20.72 -4.12 42.04
N2 NAG F . 21.33 -5.15 39.96
O3 NAG F . 20.92 -7.72 41.05
O4 NAG F . 23.11 -9.57 40.84
O5 NAG F . 23.85 -7.19 38.14
O6 NAG F . 25.92 -8.93 37.67
O7 NAG F . 22.94 -4.14 41.15
ZN ZN G . -6.80 -4.88 -0.28
C1 NAG H . -9.32 5.20 25.03
C2 NAG H . -8.57 4.24 25.93
C3 NAG H . -9.39 4.02 27.20
C4 NAG H . -9.73 5.34 27.86
C5 NAG H . -10.44 6.25 26.86
C6 NAG H . -10.69 7.63 27.41
C7 NAG H . -9.23 2.05 24.97
C8 NAG H . -8.75 0.64 24.90
N2 NAG H . -8.30 2.97 25.29
O3 NAG H . -8.64 3.18 28.08
O4 NAG H . -10.61 5.10 28.96
O5 NAG H . -9.65 6.42 25.67
O6 NAG H . -9.46 8.26 27.75
O7 NAG H . -10.40 2.35 24.76
#